data_1DIR
#
_entry.id   1DIR
#
_cell.length_a   222.200
_cell.length_b   46.500
_cell.length_c   94.300
_cell.angle_alpha   90.00
_cell.angle_beta   101.10
_cell.angle_gamma   90.00
#
_symmetry.space_group_name_H-M   'C 1 2 1'
#
loop_
_entity.id
_entity.type
_entity.pdbx_description
1 polymer 'DIHYDROPTERIDINE REDUCTASE'
2 non-polymer NICOTINAMIDE-ADENINE-DINUCLEOTIDE
3 water water
#
_entity_poly.entity_id   1
_entity_poly.type   'polypeptide(L)'
_entity_poly.pdbx_seq_one_letter_code
;MAASGEARRVLVYGGRGALGSRCVQAFRARNWWVASIDVVENEEASASVIVKMTDSFTEQADQVTAEVGKLLGDQKVDAI
LCVAGGWAGGNAKSKSLFKNCDLMWKQSIWTSTISSHLATKHLKEGGLLTLAGAKAALDGTPGMIGYGMAKGAVHQLCQS
LAGKNSGMPSGAAAIAVLPVTLDTPMNRKSMPEADFSSWTPLEFLVETFHDWITGNKRPNSGSLIQVVTTDGKTELTPAY
F
;
_entity_poly.pdbx_strand_id   A,B,C,D
#
loop_
_chem_comp.id
_chem_comp.type
_chem_comp.name
_chem_comp.formula
NAD non-polymer NICOTINAMIDE-ADENINE-DINUCLEOTIDE 'C21 H27 N7 O14 P2'
#
# COMPACT_ATOMS: atom_id res chain seq x y z
N GLU A 6 -28.80 -24.18 -42.79
CA GLU A 6 -28.15 -25.48 -43.04
C GLU A 6 -27.64 -26.40 -41.89
N ALA A 7 -28.48 -26.86 -40.97
CA ALA A 7 -28.04 -27.86 -40.00
C ALA A 7 -29.12 -28.70 -39.35
N ARG A 8 -28.81 -29.90 -38.86
CA ARG A 8 -29.87 -30.79 -38.45
C ARG A 8 -29.56 -31.63 -37.21
N ARG A 9 -28.30 -31.85 -36.91
CA ARG A 9 -27.92 -32.68 -35.78
C ARG A 9 -27.11 -31.94 -34.68
N VAL A 10 -27.76 -31.78 -33.53
CA VAL A 10 -27.26 -30.97 -32.42
C VAL A 10 -27.10 -31.64 -31.05
N LEU A 11 -25.85 -31.57 -30.50
CA LEU A 11 -25.58 -31.92 -29.10
C LEU A 11 -25.68 -30.78 -28.08
N VAL A 12 -26.44 -30.83 -27.01
CA VAL A 12 -26.44 -29.77 -26.04
C VAL A 12 -25.93 -30.26 -24.68
N TYR A 13 -24.68 -29.90 -24.39
CA TYR A 13 -24.08 -30.29 -23.11
C TYR A 13 -24.65 -29.37 -22.07
N GLY A 14 -25.25 -29.78 -21.00
CA GLY A 14 -25.98 -28.84 -20.16
C GLY A 14 -27.45 -28.65 -20.62
N GLY A 15 -28.01 -29.57 -21.42
CA GLY A 15 -29.42 -29.58 -21.90
C GLY A 15 -30.59 -29.36 -20.93
N ARG A 16 -30.64 -29.75 -19.65
CA ARG A 16 -31.77 -29.30 -18.80
C ARG A 16 -31.57 -27.96 -18.08
N GLY A 17 -30.53 -27.20 -18.35
CA GLY A 17 -30.42 -25.90 -17.69
C GLY A 17 -31.24 -24.81 -18.35
N ALA A 18 -31.38 -23.61 -17.74
CA ALA A 18 -32.16 -22.58 -18.39
C ALA A 18 -31.79 -22.33 -19.87
N LEU A 19 -30.59 -22.04 -20.31
CA LEU A 19 -30.35 -21.90 -21.74
C LEU A 19 -30.43 -23.24 -22.45
N GLY A 20 -30.07 -24.33 -21.78
CA GLY A 20 -30.06 -25.67 -22.36
C GLY A 20 -31.43 -26.14 -22.80
N SER A 21 -32.42 -26.15 -21.91
CA SER A 21 -33.79 -26.40 -22.33
C SER A 21 -34.30 -25.53 -23.49
N ARG A 22 -34.06 -24.24 -23.54
CA ARG A 22 -34.51 -23.36 -24.62
C ARG A 22 -33.91 -23.73 -25.95
N CYS A 23 -32.64 -24.15 -25.99
CA CYS A 23 -32.03 -24.71 -27.18
C CYS A 23 -32.70 -26.02 -27.59
N VAL A 24 -33.06 -26.95 -26.70
CA VAL A 24 -33.76 -28.18 -27.13
C VAL A 24 -35.09 -27.76 -27.79
N GLN A 25 -35.95 -27.05 -27.07
CA GLN A 25 -37.16 -26.47 -27.63
C GLN A 25 -37.11 -25.66 -28.92
N ALA A 26 -36.26 -24.68 -29.13
CA ALA A 26 -36.28 -23.96 -30.38
C ALA A 26 -36.01 -24.85 -31.56
N PHE A 27 -35.03 -25.73 -31.34
CA PHE A 27 -34.52 -26.66 -32.35
C PHE A 27 -35.37 -27.93 -32.58
N ARG A 28 -35.79 -28.65 -31.57
CA ARG A 28 -36.79 -29.71 -31.68
C ARG A 28 -38.03 -29.27 -32.44
N ALA A 29 -38.59 -28.12 -32.10
CA ALA A 29 -39.71 -27.58 -32.87
C ALA A 29 -39.37 -27.08 -34.30
N ARG A 30 -38.10 -27.17 -34.75
CA ARG A 30 -37.73 -26.99 -36.16
C ARG A 30 -37.43 -28.34 -36.82
N ASN A 31 -37.67 -29.42 -36.07
CA ASN A 31 -37.36 -30.82 -36.37
C ASN A 31 -35.87 -31.15 -36.50
N TRP A 32 -35.05 -30.51 -35.67
CA TRP A 32 -33.68 -30.90 -35.59
C TRP A 32 -33.66 -32.05 -34.61
N TRP A 33 -32.67 -32.91 -34.82
CA TRP A 33 -32.39 -34.00 -33.89
C TRP A 33 -31.62 -33.32 -32.75
N VAL A 34 -32.12 -33.38 -31.53
CA VAL A 34 -31.37 -32.85 -30.42
C VAL A 34 -31.06 -33.82 -29.30
N ALA A 35 -29.82 -34.13 -29.00
CA ALA A 35 -29.53 -34.96 -27.81
C ALA A 35 -29.13 -34.13 -26.57
N SER A 36 -29.65 -34.40 -25.38
CA SER A 36 -29.23 -33.65 -24.21
C SER A 36 -28.33 -34.45 -23.33
N ILE A 37 -27.26 -33.77 -22.90
CA ILE A 37 -26.29 -34.33 -21.98
C ILE A 37 -26.35 -33.45 -20.74
N ASP A 38 -26.72 -33.98 -19.59
CA ASP A 38 -26.77 -33.20 -18.37
C ASP A 38 -26.91 -34.20 -17.20
N VAL A 39 -27.02 -33.94 -15.90
CA VAL A 39 -27.10 -35.04 -14.90
C VAL A 39 -28.42 -35.79 -14.72
N VAL A 40 -29.34 -35.27 -15.52
CA VAL A 40 -30.72 -35.69 -15.63
C VAL A 40 -31.29 -35.64 -17.09
N GLU A 41 -32.46 -36.24 -17.23
CA GLU A 41 -33.01 -36.46 -18.55
C GLU A 41 -33.66 -35.29 -19.27
N ASN A 42 -33.65 -35.26 -20.59
CA ASN A 42 -34.56 -34.32 -21.21
C ASN A 42 -35.63 -34.99 -22.09
N GLU A 43 -36.81 -35.24 -21.51
CA GLU A 43 -37.94 -35.80 -22.21
C GLU A 43 -38.33 -35.08 -23.50
N GLU A 44 -37.99 -33.77 -23.71
CA GLU A 44 -38.26 -33.05 -24.97
C GLU A 44 -37.08 -33.12 -25.96
N ALA A 45 -36.05 -33.91 -25.67
CA ALA A 45 -34.94 -34.11 -26.59
C ALA A 45 -34.94 -35.48 -27.30
N SER A 46 -34.45 -35.52 -28.53
CA SER A 46 -34.40 -36.77 -29.33
C SER A 46 -33.82 -38.00 -28.62
N ALA A 47 -32.89 -37.62 -27.77
CA ALA A 47 -32.08 -38.47 -26.92
C ALA A 47 -31.52 -37.78 -25.65
N SER A 48 -31.30 -38.61 -24.62
CA SER A 48 -30.65 -38.16 -23.41
C SER A 48 -29.52 -39.05 -22.95
N VAL A 49 -28.38 -38.41 -22.69
CA VAL A 49 -27.21 -39.01 -22.09
C VAL A 49 -27.19 -38.55 -20.64
N ILE A 50 -27.00 -39.48 -19.73
CA ILE A 50 -26.97 -39.12 -18.33
C ILE A 50 -25.57 -39.02 -17.70
N VAL A 51 -25.20 -37.88 -17.12
CA VAL A 51 -23.90 -37.72 -16.52
C VAL A 51 -23.78 -38.29 -15.09
N LYS A 52 -22.97 -39.37 -15.02
CA LYS A 52 -22.62 -39.98 -13.75
C LYS A 52 -21.91 -39.06 -12.72
N MET A 53 -22.49 -38.86 -11.54
CA MET A 53 -21.81 -38.09 -10.51
C MET A 53 -20.70 -38.92 -9.97
N THR A 54 -19.56 -38.27 -10.15
CA THR A 54 -18.27 -38.78 -9.70
C THR A 54 -17.20 -37.73 -9.41
N ASP A 55 -16.28 -37.91 -8.44
CA ASP A 55 -15.17 -36.96 -8.25
C ASP A 55 -14.06 -37.27 -9.23
N SER A 56 -14.11 -38.42 -9.90
CA SER A 56 -13.11 -38.77 -10.89
C SER A 56 -13.38 -38.21 -12.28
N PHE A 57 -12.71 -37.15 -12.69
CA PHE A 57 -12.86 -36.56 -13.99
C PHE A 57 -12.69 -37.59 -15.07
N THR A 58 -11.70 -38.43 -14.89
CA THR A 58 -11.51 -39.55 -15.83
C THR A 58 -12.69 -40.54 -15.80
N GLU A 59 -13.35 -40.79 -14.68
CA GLU A 59 -14.56 -41.62 -14.64
C GLU A 59 -15.62 -41.01 -15.56
N GLN A 60 -16.09 -39.80 -15.19
CA GLN A 60 -17.10 -39.12 -15.97
C GLN A 60 -16.74 -38.89 -17.44
N ALA A 61 -15.56 -38.42 -17.82
CA ALA A 61 -15.25 -38.23 -19.22
C ALA A 61 -15.41 -39.52 -20.03
N ASP A 62 -14.71 -40.58 -19.60
CA ASP A 62 -14.75 -41.87 -20.27
C ASP A 62 -16.16 -42.39 -20.47
N GLN A 63 -17.03 -42.08 -19.50
CA GLN A 63 -18.45 -42.38 -19.58
C GLN A 63 -19.17 -41.53 -20.65
N VAL A 64 -19.19 -40.22 -20.53
CA VAL A 64 -19.88 -39.38 -21.50
C VAL A 64 -19.40 -39.68 -22.90
N THR A 65 -18.11 -39.83 -23.09
CA THR A 65 -17.55 -40.15 -24.39
C THR A 65 -18.04 -41.59 -24.77
N ALA A 66 -18.16 -42.59 -23.88
CA ALA A 66 -18.72 -43.87 -24.28
C ALA A 66 -20.17 -43.69 -24.64
N GLU A 67 -21.09 -43.22 -23.77
CA GLU A 67 -22.48 -43.04 -24.17
C GLU A 67 -22.66 -42.16 -25.42
N VAL A 68 -22.12 -40.95 -25.61
CA VAL A 68 -22.26 -40.15 -26.86
C VAL A 68 -21.75 -40.93 -28.07
N GLY A 69 -20.61 -41.60 -27.88
CA GLY A 69 -20.03 -42.45 -28.93
C GLY A 69 -20.96 -43.56 -29.45
N LYS A 70 -21.78 -44.17 -28.61
CA LYS A 70 -22.75 -45.15 -29.09
C LYS A 70 -23.91 -44.43 -29.75
N LEU A 71 -24.69 -43.59 -29.09
CA LEU A 71 -25.70 -42.78 -29.76
C LEU A 71 -25.41 -42.37 -31.20
N LEU A 72 -24.23 -41.86 -31.38
CA LEU A 72 -23.95 -41.34 -32.69
C LEU A 72 -23.42 -42.31 -33.72
N GLY A 73 -22.72 -43.36 -33.21
CA GLY A 73 -21.96 -44.27 -34.06
C GLY A 73 -21.04 -43.54 -35.06
N ASP A 74 -21.34 -43.72 -36.35
CA ASP A 74 -20.66 -43.05 -37.46
C ASP A 74 -21.28 -41.71 -37.88
N GLN A 75 -22.33 -41.17 -37.25
CA GLN A 75 -22.88 -39.83 -37.55
C GLN A 75 -22.17 -38.64 -36.89
N LYS A 76 -21.56 -37.80 -37.75
CA LYS A 76 -20.93 -36.53 -37.37
C LYS A 76 -21.98 -35.46 -37.05
N VAL A 77 -22.20 -34.98 -35.82
CA VAL A 77 -23.17 -33.91 -35.60
C VAL A 77 -22.71 -32.52 -36.01
N ASP A 78 -23.68 -31.66 -36.34
CA ASP A 78 -23.42 -30.28 -36.83
C ASP A 78 -22.79 -29.27 -35.93
N ALA A 79 -23.32 -29.39 -34.70
CA ALA A 79 -22.94 -28.50 -33.64
C ALA A 79 -23.06 -29.06 -32.25
N ILE A 80 -22.03 -28.85 -31.41
CA ILE A 80 -22.10 -29.24 -29.99
C ILE A 80 -22.10 -27.95 -29.18
N LEU A 81 -23.14 -27.70 -28.44
CA LEU A 81 -23.25 -26.51 -27.64
C LEU A 81 -22.90 -26.83 -26.20
N CYS A 82 -21.77 -26.37 -25.67
CA CYS A 82 -21.50 -26.59 -24.23
C CYS A 82 -22.13 -25.48 -23.43
N VAL A 83 -23.32 -25.68 -22.85
CA VAL A 83 -23.91 -24.60 -22.09
C VAL A 83 -24.08 -24.95 -20.63
N ALA A 84 -23.42 -26.02 -20.19
CA ALA A 84 -23.39 -26.32 -18.74
C ALA A 84 -22.64 -25.22 -18.00
N GLY A 85 -22.82 -25.18 -16.71
CA GLY A 85 -22.22 -24.13 -15.95
C GLY A 85 -22.95 -24.04 -14.62
N GLY A 86 -23.03 -22.76 -14.23
CA GLY A 86 -23.60 -22.32 -12.96
C GLY A 86 -22.75 -21.22 -12.34
N TRP A 87 -22.99 -20.89 -11.07
CA TRP A 87 -22.33 -19.81 -10.36
C TRP A 87 -22.20 -20.04 -8.82
N ALA A 88 -21.07 -19.67 -8.21
CA ALA A 88 -20.85 -19.65 -6.77
C ALA A 88 -19.78 -18.66 -6.33
N GLY A 89 -20.16 -17.74 -5.45
CA GLY A 89 -19.26 -16.72 -4.97
C GLY A 89 -18.29 -17.16 -3.90
N GLY A 90 -17.58 -16.15 -3.43
CA GLY A 90 -16.56 -16.39 -2.42
C GLY A 90 -15.12 -16.02 -2.82
N ASN A 91 -14.52 -15.12 -2.03
CA ASN A 91 -13.11 -14.83 -2.18
C ASN A 91 -12.12 -15.84 -1.53
N ALA A 92 -10.78 -15.69 -1.64
CA ALA A 92 -9.86 -16.68 -1.14
C ALA A 92 -9.99 -16.96 0.36
N LYS A 93 -10.50 -15.96 1.10
CA LYS A 93 -10.73 -16.17 2.54
C LYS A 93 -12.01 -16.94 2.94
N SER A 94 -13.12 -16.96 2.19
CA SER A 94 -14.31 -17.76 2.49
C SER A 94 -14.18 -19.24 2.88
N LYS A 95 -14.96 -19.72 3.84
CA LYS A 95 -14.86 -21.08 4.38
C LYS A 95 -15.33 -22.21 3.43
N SER A 96 -16.39 -21.88 2.70
CA SER A 96 -16.89 -22.75 1.64
C SER A 96 -16.11 -22.64 0.30
N LEU A 97 -14.94 -21.95 0.21
CA LEU A 97 -14.13 -21.80 -1.01
C LEU A 97 -13.82 -23.15 -1.66
N PHE A 98 -13.25 -24.13 -0.95
CA PHE A 98 -12.90 -25.39 -1.63
C PHE A 98 -14.11 -26.17 -2.25
N LYS A 99 -15.26 -26.09 -1.60
CA LYS A 99 -16.52 -26.63 -2.11
C LYS A 99 -16.98 -25.82 -3.30
N ASN A 100 -17.25 -24.53 -3.18
CA ASN A 100 -17.54 -23.69 -4.32
C ASN A 100 -16.55 -23.70 -5.49
N CYS A 101 -15.28 -23.98 -5.27
CA CYS A 101 -14.35 -24.13 -6.38
C CYS A 101 -14.56 -25.49 -7.00
N ASP A 102 -14.83 -26.56 -6.23
CA ASP A 102 -15.08 -27.89 -6.79
C ASP A 102 -16.32 -27.95 -7.69
N LEU A 103 -17.37 -27.21 -7.36
CA LEU A 103 -18.55 -27.07 -8.21
C LEU A 103 -18.22 -26.36 -9.49
N MET A 104 -17.57 -25.20 -9.41
CA MET A 104 -17.32 -24.35 -10.56
C MET A 104 -16.39 -24.98 -11.54
N TRP A 105 -15.46 -25.78 -11.07
CA TRP A 105 -14.62 -26.53 -12.01
C TRP A 105 -15.38 -27.71 -12.64
N LYS A 106 -16.16 -28.45 -11.85
CA LYS A 106 -16.94 -29.55 -12.43
C LYS A 106 -17.99 -29.07 -13.44
N GLN A 107 -18.59 -27.92 -13.23
CA GLN A 107 -19.61 -27.41 -14.16
C GLN A 107 -19.04 -26.75 -15.37
N SER A 108 -17.93 -26.03 -15.19
CA SER A 108 -17.32 -25.28 -16.31
C SER A 108 -15.98 -25.87 -16.84
N ILE A 109 -15.07 -26.42 -16.02
CA ILE A 109 -13.85 -27.01 -16.54
C ILE A 109 -14.09 -28.47 -16.91
N TRP A 110 -14.68 -29.34 -16.10
CA TRP A 110 -14.94 -30.70 -16.56
C TRP A 110 -15.80 -30.72 -17.79
N THR A 111 -16.92 -29.98 -17.84
CA THR A 111 -17.79 -30.01 -19.01
C THR A 111 -17.19 -29.36 -20.28
N SER A 112 -16.47 -28.23 -20.26
CA SER A 112 -15.95 -27.67 -21.51
C SER A 112 -14.84 -28.53 -22.10
N THR A 113 -14.16 -29.35 -21.28
CA THR A 113 -13.09 -30.23 -21.82
C THR A 113 -13.67 -31.43 -22.58
N ILE A 114 -14.50 -32.27 -21.92
CA ILE A 114 -15.20 -33.36 -22.59
C ILE A 114 -15.83 -32.79 -23.85
N SER A 115 -16.68 -31.74 -23.88
CA SER A 115 -17.17 -31.18 -25.14
C SER A 115 -16.06 -30.84 -26.11
N SER A 116 -14.89 -30.27 -25.77
CA SER A 116 -13.80 -30.13 -26.74
C SER A 116 -13.41 -31.49 -27.28
N HIS A 117 -13.44 -32.55 -26.48
CA HIS A 117 -13.07 -33.88 -27.01
C HIS A 117 -14.03 -34.53 -27.99
N LEU A 118 -15.31 -34.54 -27.61
CA LEU A 118 -16.38 -34.99 -28.43
C LEU A 118 -16.36 -34.20 -29.71
N ALA A 119 -16.23 -32.90 -29.76
CA ALA A 119 -16.09 -32.18 -31.04
C ALA A 119 -14.95 -32.67 -31.94
N THR A 120 -13.79 -33.24 -31.50
CA THR A 120 -12.75 -33.66 -32.46
C THR A 120 -13.11 -34.99 -33.16
N LYS A 121 -13.83 -35.79 -32.34
CA LYS A 121 -14.42 -37.08 -32.70
C LYS A 121 -15.72 -37.03 -33.50
N HIS A 122 -16.78 -36.44 -32.98
CA HIS A 122 -18.09 -36.36 -33.63
C HIS A 122 -18.45 -35.10 -34.40
N LEU A 123 -17.63 -34.10 -34.70
CA LEU A 123 -18.17 -32.89 -35.34
C LEU A 123 -17.95 -32.75 -36.85
N LYS A 124 -18.98 -32.24 -37.55
CA LYS A 124 -18.87 -32.12 -39.01
C LYS A 124 -17.73 -31.22 -39.38
N GLU A 125 -17.12 -31.47 -40.52
CA GLU A 125 -16.16 -30.51 -41.08
C GLU A 125 -16.95 -29.22 -41.31
N GLY A 126 -16.43 -28.05 -41.00
CA GLY A 126 -17.24 -26.86 -41.12
C GLY A 126 -18.21 -26.74 -39.93
N GLY A 127 -18.42 -27.73 -39.06
CA GLY A 127 -19.36 -27.64 -37.93
C GLY A 127 -18.96 -26.65 -36.81
N LEU A 128 -19.59 -26.60 -35.63
CA LEU A 128 -19.33 -25.60 -34.57
C LEU A 128 -19.41 -26.10 -33.12
N LEU A 129 -18.47 -25.78 -32.25
CA LEU A 129 -18.58 -26.09 -30.83
C LEU A 129 -18.70 -24.74 -30.15
N THR A 130 -19.66 -24.49 -29.25
CA THR A 130 -19.67 -23.25 -28.53
C THR A 130 -19.40 -23.60 -27.09
N LEU A 131 -18.61 -22.76 -26.43
CA LEU A 131 -18.28 -22.97 -25.03
C LEU A 131 -18.85 -21.79 -24.31
N ALA A 132 -19.19 -21.93 -23.04
CA ALA A 132 -19.77 -20.89 -22.20
C ALA A 132 -18.76 -20.29 -21.21
N GLY A 133 -18.44 -19.04 -21.51
CA GLY A 133 -17.50 -18.30 -20.71
C GLY A 133 -18.16 -17.21 -19.93
N ALA A 134 -17.48 -16.11 -19.64
CA ALA A 134 -18.10 -15.04 -18.90
C ALA A 134 -17.25 -13.76 -19.05
N LYS A 135 -17.83 -12.62 -19.31
CA LYS A 135 -17.05 -11.39 -19.49
C LYS A 135 -16.23 -10.93 -18.25
N ALA A 136 -16.85 -11.10 -17.09
CA ALA A 136 -16.26 -10.89 -15.78
C ALA A 136 -14.88 -11.43 -15.57
N ALA A 137 -14.60 -12.56 -16.16
CA ALA A 137 -13.33 -13.21 -15.97
C ALA A 137 -12.31 -12.80 -17.02
N LEU A 138 -12.55 -11.73 -17.78
CA LEU A 138 -11.52 -11.24 -18.66
C LEU A 138 -10.61 -10.40 -17.79
N ASP A 139 -11.16 -10.05 -16.64
CA ASP A 139 -10.44 -9.41 -15.59
C ASP A 139 -10.32 -10.31 -14.35
N GLY A 140 -9.94 -9.71 -13.25
CA GLY A 140 -9.85 -10.41 -12.00
C GLY A 140 -11.21 -10.33 -11.38
N THR A 141 -11.53 -11.48 -10.77
CA THR A 141 -12.82 -11.67 -10.13
C THR A 141 -12.63 -11.82 -8.62
N PRO A 142 -12.13 -10.89 -7.76
CA PRO A 142 -11.84 -11.13 -6.32
C PRO A 142 -13.01 -11.61 -5.45
N GLY A 143 -14.21 -11.15 -5.80
CA GLY A 143 -15.42 -11.57 -5.09
C GLY A 143 -15.93 -12.97 -5.46
N MET A 144 -15.23 -13.66 -6.36
CA MET A 144 -15.62 -15.01 -6.83
C MET A 144 -14.46 -15.84 -7.44
N ILE A 145 -13.41 -16.03 -6.62
CA ILE A 145 -12.18 -16.79 -6.94
C ILE A 145 -12.44 -17.94 -7.91
N GLY A 146 -13.26 -18.91 -7.48
CA GLY A 146 -13.60 -20.14 -8.20
C GLY A 146 -14.21 -19.95 -9.57
N TYR A 147 -15.20 -19.08 -9.70
CA TYR A 147 -15.89 -18.85 -10.96
C TYR A 147 -15.06 -18.28 -12.08
N GLY A 148 -14.16 -17.38 -11.80
CA GLY A 148 -13.25 -16.77 -12.78
C GLY A 148 -12.08 -17.65 -13.13
N MET A 149 -11.72 -18.67 -12.35
CA MET A 149 -10.68 -19.64 -12.73
C MET A 149 -11.19 -20.57 -13.82
N ALA A 150 -12.41 -21.03 -13.55
CA ALA A 150 -13.19 -21.87 -14.42
C ALA A 150 -13.36 -21.22 -15.81
N LYS A 151 -14.00 -20.08 -15.79
CA LYS A 151 -14.28 -19.41 -17.04
C LYS A 151 -13.01 -18.88 -17.72
N GLY A 152 -11.99 -18.61 -16.91
CA GLY A 152 -10.72 -18.14 -17.45
C GLY A 152 -10.04 -19.29 -18.19
N ALA A 153 -10.12 -20.49 -17.61
CA ALA A 153 -9.61 -21.68 -18.25
C ALA A 153 -10.40 -21.91 -19.55
N VAL A 154 -11.73 -21.80 -19.65
CA VAL A 154 -12.48 -21.98 -20.91
C VAL A 154 -12.07 -20.97 -21.95
N HIS A 155 -11.97 -19.66 -21.65
CA HIS A 155 -11.47 -18.72 -22.68
C HIS A 155 -10.10 -19.20 -23.15
N GLN A 156 -9.23 -19.75 -22.35
CA GLN A 156 -7.96 -20.17 -22.86
C GLN A 156 -8.16 -21.41 -23.76
N LEU A 157 -8.99 -22.39 -23.39
CA LEU A 157 -9.25 -23.60 -24.16
C LEU A 157 -9.76 -23.27 -25.58
N CYS A 158 -10.58 -22.23 -25.63
CA CYS A 158 -11.11 -21.81 -26.91
C CYS A 158 -10.03 -21.27 -27.87
N GLN A 159 -9.03 -20.56 -27.33
CA GLN A 159 -7.88 -20.10 -28.11
C GLN A 159 -7.09 -21.28 -28.66
N SER A 160 -6.99 -22.34 -27.84
CA SER A 160 -6.28 -23.58 -28.17
C SER A 160 -6.94 -24.38 -29.27
N LEU A 161 -8.19 -24.77 -29.13
CA LEU A 161 -8.92 -25.40 -30.21
C LEU A 161 -8.83 -24.56 -31.50
N ALA A 162 -8.88 -23.24 -31.50
CA ALA A 162 -8.71 -22.43 -32.71
C ALA A 162 -7.35 -22.49 -33.36
N GLY A 163 -6.42 -23.30 -32.89
CA GLY A 163 -5.10 -23.29 -33.47
C GLY A 163 -4.69 -24.57 -34.17
N LYS A 164 -3.51 -24.42 -34.75
CA LYS A 164 -2.93 -25.50 -35.54
C LYS A 164 -2.79 -26.83 -34.78
N ASN A 165 -3.34 -27.89 -35.36
CA ASN A 165 -3.26 -29.24 -34.81
C ASN A 165 -3.86 -29.48 -33.41
N SER A 166 -4.90 -28.71 -33.17
CA SER A 166 -5.68 -28.82 -31.93
C SER A 166 -6.52 -30.05 -31.68
N GLY A 167 -6.92 -30.57 -32.86
CA GLY A 167 -7.82 -31.71 -33.01
C GLY A 167 -9.19 -31.45 -33.68
N MET A 168 -9.50 -30.18 -33.87
CA MET A 168 -10.76 -29.81 -34.48
C MET A 168 -10.77 -30.13 -35.95
N PRO A 169 -11.93 -30.56 -36.52
CA PRO A 169 -12.13 -30.73 -37.98
C PRO A 169 -12.08 -29.47 -38.83
N SER A 170 -11.57 -29.62 -40.04
CA SER A 170 -11.42 -28.57 -41.04
C SER A 170 -12.62 -27.62 -41.15
N GLY A 171 -12.52 -26.26 -41.20
CA GLY A 171 -13.68 -25.34 -41.20
C GLY A 171 -14.51 -25.34 -39.89
N ALA A 172 -14.31 -26.18 -38.88
CA ALA A 172 -15.08 -26.17 -37.63
C ALA A 172 -14.64 -25.07 -36.70
N ALA A 173 -15.55 -24.31 -36.19
CA ALA A 173 -15.21 -23.21 -35.33
C ALA A 173 -15.42 -23.50 -33.87
N ALA A 174 -14.46 -23.33 -32.96
CA ALA A 174 -14.73 -23.21 -31.52
C ALA A 174 -14.93 -21.71 -31.15
N ILE A 175 -16.07 -21.37 -30.58
CA ILE A 175 -16.39 -20.00 -30.20
C ILE A 175 -16.88 -19.92 -28.75
N ALA A 176 -16.35 -19.03 -27.94
CA ALA A 176 -16.83 -18.91 -26.57
C ALA A 176 -17.85 -17.81 -26.43
N VAL A 177 -19.06 -18.03 -25.98
CA VAL A 177 -19.97 -16.92 -25.71
C VAL A 177 -19.73 -16.43 -24.24
N LEU A 178 -19.53 -15.11 -24.06
CA LEU A 178 -19.24 -14.49 -22.75
C LEU A 178 -20.32 -13.51 -22.28
N PRO A 179 -21.33 -13.99 -21.57
CA PRO A 179 -22.44 -13.18 -21.06
C PRO A 179 -22.05 -12.26 -19.92
N VAL A 180 -22.82 -11.22 -19.66
CA VAL A 180 -22.64 -10.51 -18.42
C VAL A 180 -23.69 -11.17 -17.53
N THR A 181 -25.00 -11.11 -17.80
CA THR A 181 -26.02 -11.82 -16.99
C THR A 181 -27.12 -12.36 -17.84
N LEU A 182 -27.56 -13.57 -17.62
CA LEU A 182 -28.67 -14.03 -18.40
C LEU A 182 -30.07 -13.80 -17.78
N ASP A 183 -31.13 -13.37 -18.44
CA ASP A 183 -32.46 -13.18 -17.83
C ASP A 183 -33.12 -14.48 -17.34
N THR A 184 -32.77 -15.15 -16.26
CA THR A 184 -33.45 -16.41 -15.92
C THR A 184 -34.43 -16.28 -14.80
N PRO A 185 -35.43 -17.14 -14.57
CA PRO A 185 -36.20 -17.18 -13.33
C PRO A 185 -35.35 -17.21 -12.05
N MET A 186 -34.29 -18.02 -11.96
CA MET A 186 -33.44 -17.98 -10.79
C MET A 186 -32.75 -16.64 -10.60
N ASN A 187 -32.15 -15.98 -11.57
CA ASN A 187 -31.68 -14.59 -11.40
C ASN A 187 -32.71 -13.57 -10.93
N ARG A 188 -33.94 -13.78 -11.35
CA ARG A 188 -35.04 -12.92 -10.92
C ARG A 188 -35.28 -13.18 -9.44
N LYS A 189 -35.48 -14.44 -9.09
CA LYS A 189 -35.67 -14.84 -7.70
C LYS A 189 -34.46 -14.63 -6.78
N SER A 190 -33.26 -14.49 -7.31
CA SER A 190 -32.12 -14.26 -6.44
C SER A 190 -31.85 -12.77 -6.33
N MET A 191 -31.92 -12.07 -7.46
CA MET A 191 -31.64 -10.65 -7.54
C MET A 191 -32.88 -9.81 -7.83
N PRO A 192 -33.86 -9.98 -6.93
CA PRO A 192 -35.26 -9.65 -7.12
C PRO A 192 -35.48 -8.17 -7.33
N GLU A 193 -34.61 -7.36 -6.75
CA GLU A 193 -34.78 -5.96 -6.99
C GLU A 193 -33.77 -5.40 -7.98
N ALA A 194 -33.49 -6.20 -9.03
CA ALA A 194 -32.56 -5.81 -10.11
C ALA A 194 -33.08 -5.14 -11.38
N ASP A 195 -32.21 -4.50 -12.18
CA ASP A 195 -32.74 -3.96 -13.45
C ASP A 195 -32.77 -5.04 -14.52
N PHE A 196 -33.84 -5.82 -14.58
CA PHE A 196 -33.91 -6.92 -15.55
C PHE A 196 -33.64 -6.50 -17.00
N SER A 197 -33.81 -5.27 -17.48
CA SER A 197 -33.44 -4.87 -18.87
C SER A 197 -31.96 -4.86 -19.31
N SER A 198 -31.08 -5.00 -18.33
CA SER A 198 -29.63 -5.18 -18.55
C SER A 198 -29.25 -6.68 -18.67
N TRP A 199 -30.25 -7.55 -18.48
CA TRP A 199 -30.09 -8.98 -18.69
C TRP A 199 -30.35 -9.39 -20.15
N THR A 200 -29.58 -10.36 -20.63
CA THR A 200 -29.69 -10.88 -21.99
C THR A 200 -30.73 -11.95 -22.00
N PRO A 201 -31.80 -11.81 -22.78
CA PRO A 201 -32.87 -12.80 -22.80
C PRO A 201 -32.37 -14.12 -23.38
N LEU A 202 -32.65 -15.28 -22.76
CA LEU A 202 -32.25 -16.59 -23.33
C LEU A 202 -32.52 -16.65 -24.83
N GLU A 203 -33.69 -16.24 -25.29
CA GLU A 203 -34.04 -16.24 -26.71
C GLU A 203 -33.09 -15.55 -27.68
N PHE A 204 -32.30 -14.59 -27.23
CA PHE A 204 -31.31 -13.93 -28.06
C PHE A 204 -30.16 -14.87 -28.46
N LEU A 205 -29.74 -15.65 -27.46
CA LEU A 205 -28.66 -16.60 -27.66
C LEU A 205 -29.05 -17.77 -28.56
N VAL A 206 -30.31 -18.20 -28.39
CA VAL A 206 -30.82 -19.31 -29.17
C VAL A 206 -31.01 -18.89 -30.62
N GLU A 207 -31.58 -17.69 -30.87
CA GLU A 207 -31.62 -17.08 -32.20
C GLU A 207 -30.19 -16.94 -32.75
N THR A 208 -29.22 -16.60 -31.87
CA THR A 208 -27.81 -16.48 -32.31
C THR A 208 -27.19 -17.84 -32.60
N PHE A 209 -27.40 -18.86 -31.77
CA PHE A 209 -26.87 -20.21 -32.01
C PHE A 209 -27.38 -20.80 -33.30
N HIS A 210 -28.68 -20.78 -33.58
CA HIS A 210 -29.14 -21.06 -34.93
C HIS A 210 -28.41 -20.23 -36.00
N ASP A 211 -28.31 -18.91 -36.01
CA ASP A 211 -27.57 -18.24 -37.10
C ASP A 211 -26.14 -18.76 -37.35
N TRP A 212 -25.27 -18.88 -36.33
CA TRP A 212 -23.92 -19.47 -36.47
C TRP A 212 -23.96 -20.97 -36.87
N ILE A 213 -24.84 -21.78 -36.27
CA ILE A 213 -25.07 -23.20 -36.62
C ILE A 213 -25.43 -23.31 -38.13
N THR A 214 -26.40 -22.56 -38.59
CA THR A 214 -26.84 -22.72 -39.95
C THR A 214 -26.08 -21.88 -40.90
N GLY A 215 -24.77 -21.91 -40.89
CA GLY A 215 -23.92 -21.06 -41.75
C GLY A 215 -24.00 -19.50 -41.64
N ASN A 216 -25.16 -18.88 -41.47
CA ASN A 216 -25.30 -17.42 -41.46
C ASN A 216 -24.67 -16.63 -40.30
N LYS A 217 -23.62 -15.88 -40.70
CA LYS A 217 -22.90 -14.91 -39.89
C LYS A 217 -22.03 -15.40 -38.74
N ARG A 218 -21.45 -16.58 -38.87
CA ARG A 218 -20.61 -17.08 -37.78
C ARG A 218 -19.16 -16.49 -37.66
N PRO A 219 -18.68 -16.21 -36.46
CA PRO A 219 -17.32 -15.78 -36.30
C PRO A 219 -16.21 -16.82 -36.22
N ASN A 220 -14.99 -16.34 -36.27
CA ASN A 220 -13.80 -17.16 -36.20
C ASN A 220 -13.66 -18.07 -35.01
N SER A 221 -12.98 -19.17 -35.26
CA SER A 221 -12.60 -20.10 -34.19
C SER A 221 -11.65 -19.36 -33.29
N GLY A 222 -11.87 -19.54 -32.00
CA GLY A 222 -11.12 -18.85 -30.95
C GLY A 222 -11.67 -17.46 -30.67
N SER A 223 -12.83 -17.15 -31.22
CA SER A 223 -13.48 -15.87 -30.95
C SER A 223 -14.04 -15.85 -29.54
N LEU A 224 -13.69 -14.84 -28.75
CA LEU A 224 -14.43 -14.67 -27.52
C LEU A 224 -15.53 -13.59 -27.78
N ILE A 225 -16.84 -13.89 -27.71
CA ILE A 225 -17.90 -12.95 -28.07
C ILE A 225 -18.67 -12.45 -26.84
N GLN A 226 -18.33 -11.25 -26.38
CA GLN A 226 -19.01 -10.63 -25.23
C GLN A 226 -20.45 -10.31 -25.60
N VAL A 227 -21.36 -10.66 -24.70
CA VAL A 227 -22.80 -10.56 -24.93
C VAL A 227 -23.34 -9.46 -24.04
N VAL A 228 -23.67 -8.31 -24.59
CA VAL A 228 -24.13 -7.26 -23.68
C VAL A 228 -25.49 -6.66 -24.00
N THR A 229 -26.36 -6.71 -23.01
CA THR A 229 -27.71 -6.22 -23.21
C THR A 229 -28.00 -4.97 -22.43
N THR A 230 -28.36 -3.95 -23.16
CA THR A 230 -28.69 -2.63 -22.60
C THR A 230 -30.09 -2.12 -22.94
N ASP A 231 -30.95 -2.10 -21.91
CA ASP A 231 -32.33 -1.59 -22.06
C ASP A 231 -33.03 -2.45 -23.12
N GLY A 232 -33.01 -3.76 -22.88
CA GLY A 232 -33.50 -4.76 -23.83
C GLY A 232 -32.61 -4.94 -25.07
N LYS A 233 -31.88 -3.94 -25.55
CA LYS A 233 -31.03 -4.11 -26.72
C LYS A 233 -29.64 -4.76 -26.54
N THR A 234 -29.45 -5.95 -27.10
CA THR A 234 -28.20 -6.73 -27.03
C THR A 234 -27.28 -6.58 -28.21
N GLU A 235 -26.05 -6.14 -28.02
CA GLU A 235 -25.03 -6.15 -29.08
C GLU A 235 -24.00 -7.22 -28.73
N LEU A 236 -23.23 -7.69 -29.69
CA LEU A 236 -22.20 -8.69 -29.44
C LEU A 236 -20.86 -8.03 -29.79
N THR A 237 -19.79 -8.14 -29.02
CA THR A 237 -18.53 -7.44 -29.27
C THR A 237 -17.34 -8.32 -28.93
N PRO A 238 -16.28 -8.47 -29.70
CA PRO A 238 -15.23 -9.43 -29.39
C PRO A 238 -14.22 -8.91 -28.38
N ALA A 239 -13.66 -9.88 -27.66
CA ALA A 239 -12.63 -9.67 -26.67
C ALA A 239 -11.38 -10.31 -27.23
N TYR A 240 -10.16 -9.81 -27.07
CA TYR A 240 -8.99 -10.56 -27.51
C TYR A 240 -8.30 -11.14 -26.27
N PHE A 241 -7.68 -12.31 -26.39
CA PHE A 241 -7.09 -12.97 -25.26
C PHE A 241 -5.74 -12.37 -24.77
N GLU B 6 14.30 -9.06 4.64
CA GLU B 6 13.25 -9.23 5.63
C GLU B 6 12.55 -10.58 5.68
N ALA B 7 13.19 -11.67 6.09
CA ALA B 7 12.52 -12.95 5.90
C ALA B 7 12.73 -14.30 6.65
N ARG B 8 12.65 -14.52 7.96
CA ARG B 8 12.99 -15.83 8.51
C ARG B 8 11.94 -16.94 8.53
N ARG B 9 10.83 -16.74 7.82
CA ARG B 9 9.73 -17.73 7.62
C ARG B 9 9.08 -17.92 6.23
N VAL B 10 9.15 -19.13 5.72
CA VAL B 10 8.70 -19.48 4.36
C VAL B 10 7.93 -20.83 4.19
N LEU B 11 6.88 -20.93 3.33
CA LEU B 11 6.19 -22.20 3.01
C LEU B 11 6.40 -22.50 1.53
N VAL B 12 6.82 -23.69 1.15
CA VAL B 12 7.12 -23.99 -0.23
C VAL B 12 6.19 -25.11 -0.62
N TYR B 13 5.12 -24.86 -1.42
CA TYR B 13 4.20 -25.93 -1.86
C TYR B 13 4.79 -26.65 -3.09
N GLY B 14 5.04 -27.95 -3.07
CA GLY B 14 5.85 -28.56 -4.10
C GLY B 14 7.30 -28.63 -3.58
N GLY B 15 7.52 -28.69 -2.26
CA GLY B 15 8.86 -28.77 -1.61
C GLY B 15 9.88 -29.83 -2.07
N ARG B 16 9.54 -31.04 -2.46
CA ARG B 16 10.49 -32.01 -3.01
C ARG B 16 10.74 -31.97 -4.52
N GLY B 17 10.03 -31.10 -5.24
CA GLY B 17 10.19 -31.04 -6.68
C GLY B 17 11.31 -30.10 -7.04
N ALA B 18 12.08 -30.44 -8.12
CA ALA B 18 13.28 -29.74 -8.53
C ALA B 18 13.42 -28.32 -8.03
N LEU B 19 12.74 -27.30 -8.59
CA LEU B 19 12.83 -25.92 -8.04
C LEU B 19 12.47 -25.69 -6.57
N GLY B 20 11.57 -26.42 -5.97
CA GLY B 20 11.11 -26.15 -4.61
C GLY B 20 12.14 -26.63 -3.61
N SER B 21 12.61 -27.84 -3.94
CA SER B 21 13.81 -28.42 -3.31
C SER B 21 14.97 -27.41 -3.17
N ARG B 22 15.53 -26.78 -4.24
CA ARG B 22 16.51 -25.69 -4.09
C ARG B 22 16.01 -24.60 -3.17
N CYS B 23 14.78 -24.09 -3.29
CA CYS B 23 14.27 -23.11 -2.33
C CYS B 23 14.33 -23.65 -0.89
N VAL B 24 14.13 -24.96 -0.66
CA VAL B 24 14.25 -25.50 0.69
C VAL B 24 15.77 -25.39 1.02
N GLN B 25 16.65 -25.95 0.20
CA GLN B 25 18.08 -25.88 0.43
C GLN B 25 18.72 -24.54 0.76
N ALA B 26 18.45 -23.49 0.03
CA ALA B 26 19.10 -22.21 0.23
C ALA B 26 18.57 -21.28 1.32
N PHE B 27 17.30 -21.38 1.65
CA PHE B 27 16.71 -20.61 2.72
C PHE B 27 17.08 -21.20 4.09
N ARG B 28 17.45 -22.47 4.14
CA ARG B 28 18.03 -23.15 5.29
C ARG B 28 19.52 -22.83 5.46
N ALA B 29 20.27 -22.71 4.34
CA ALA B 29 21.62 -22.19 4.30
C ALA B 29 21.78 -20.76 4.86
N ARG B 30 20.64 -20.06 4.98
CA ARG B 30 20.59 -18.70 5.46
C ARG B 30 19.81 -18.54 6.75
N ASN B 31 19.50 -19.72 7.34
CA ASN B 31 18.72 -19.91 8.59
C ASN B 31 17.27 -19.39 8.79
N TRP B 32 16.56 -19.37 7.65
CA TRP B 32 15.14 -19.15 7.62
C TRP B 32 14.54 -20.48 7.99
N TRP B 33 13.36 -20.45 8.61
CA TRP B 33 12.57 -21.66 8.86
C TRP B 33 11.84 -21.97 7.54
N VAL B 34 12.10 -23.08 6.86
CA VAL B 34 11.42 -23.40 5.58
C VAL B 34 10.66 -24.68 5.74
N ALA B 35 9.39 -24.62 5.39
CA ALA B 35 8.55 -25.79 5.49
C ALA B 35 8.02 -26.24 4.14
N SER B 36 8.10 -27.54 3.89
CA SER B 36 7.62 -28.12 2.64
C SER B 36 6.34 -29.00 2.57
N ILE B 37 5.31 -28.43 1.93
CA ILE B 37 4.03 -29.07 1.67
C ILE B 37 4.20 -29.95 0.41
N ASP B 38 4.16 -31.29 0.50
CA ASP B 38 4.25 -32.13 -0.68
C ASP B 38 3.69 -33.56 -0.58
N VAL B 39 3.59 -34.32 -1.67
CA VAL B 39 3.05 -35.69 -1.61
C VAL B 39 4.02 -36.65 -0.90
N VAL B 40 5.23 -36.15 -0.61
CA VAL B 40 6.29 -36.79 0.17
C VAL B 40 7.02 -35.87 1.14
N GLU B 41 7.75 -36.45 2.07
CA GLU B 41 8.55 -35.63 2.99
C GLU B 41 9.87 -35.07 2.41
N ASN B 42 10.12 -33.79 2.67
CA ASN B 42 11.43 -33.25 2.35
C ASN B 42 12.25 -33.18 3.64
N GLU B 43 13.08 -34.20 3.81
CA GLU B 43 13.99 -34.23 4.95
C GLU B 43 14.89 -33.02 5.30
N GLU B 44 15.24 -32.17 4.32
CA GLU B 44 16.06 -30.97 4.51
C GLU B 44 15.22 -29.80 4.97
N ALA B 45 13.88 -29.86 4.94
CA ALA B 45 13.03 -28.73 5.37
C ALA B 45 12.86 -28.63 6.90
N SER B 46 12.61 -27.48 7.52
CA SER B 46 12.38 -27.43 8.98
C SER B 46 11.29 -28.40 9.44
N ALA B 47 10.43 -28.67 8.48
CA ALA B 47 9.25 -29.50 8.59
C ALA B 47 8.66 -29.82 7.20
N SER B 48 7.93 -30.93 7.08
CA SER B 48 7.21 -31.32 5.85
C SER B 48 5.76 -31.59 6.19
N VAL B 49 4.83 -31.17 5.36
CA VAL B 49 3.41 -31.51 5.54
C VAL B 49 3.13 -32.49 4.39
N ILE B 50 2.39 -33.56 4.65
CA ILE B 50 2.20 -34.60 3.62
C ILE B 50 0.84 -34.54 2.89
N VAL B 51 0.78 -34.27 1.58
CA VAL B 51 -0.48 -34.16 0.88
C VAL B 51 -1.10 -35.51 0.54
N LYS B 52 -2.38 -35.58 0.89
CA LYS B 52 -3.10 -36.82 0.73
C LYS B 52 -3.61 -37.19 -0.65
N MET B 53 -3.14 -38.26 -1.23
CA MET B 53 -3.78 -38.65 -2.48
C MET B 53 -5.23 -39.19 -2.31
N THR B 54 -6.05 -38.42 -3.02
CA THR B 54 -7.51 -38.58 -3.09
C THR B 54 -8.01 -37.99 -4.40
N ASP B 55 -9.25 -38.20 -4.83
CA ASP B 55 -9.79 -37.49 -5.99
C ASP B 55 -10.63 -36.29 -5.61
N SER B 56 -11.01 -36.32 -4.34
CA SER B 56 -11.78 -35.25 -3.75
C SER B 56 -10.97 -33.96 -3.47
N PHE B 57 -11.04 -32.91 -4.30
CA PHE B 57 -10.38 -31.63 -3.98
C PHE B 57 -10.71 -31.23 -2.56
N THR B 58 -11.93 -31.08 -2.14
CA THR B 58 -12.22 -30.71 -0.74
C THR B 58 -11.53 -31.63 0.24
N GLU B 59 -11.39 -32.93 0.00
CA GLU B 59 -10.69 -33.79 0.95
C GLU B 59 -9.19 -33.49 1.00
N GLN B 60 -8.46 -33.41 -0.11
CA GLN B 60 -7.07 -32.96 -0.03
C GLN B 60 -6.85 -31.51 0.43
N ALA B 61 -7.81 -30.68 0.12
CA ALA B 61 -7.77 -29.28 0.46
C ALA B 61 -7.88 -29.17 1.95
N ASP B 62 -8.91 -29.72 2.59
CA ASP B 62 -9.10 -29.72 4.05
C ASP B 62 -7.96 -30.36 4.88
N GLN B 63 -7.53 -31.59 4.57
CA GLN B 63 -6.32 -32.12 5.22
C GLN B 63 -5.10 -31.20 5.11
N VAL B 64 -4.69 -30.68 3.93
CA VAL B 64 -3.58 -29.72 3.84
C VAL B 64 -3.82 -28.47 4.67
N THR B 65 -4.87 -27.68 4.48
CA THR B 65 -5.16 -26.48 5.29
C THR B 65 -5.26 -26.78 6.79
N ALA B 66 -5.55 -28.01 7.13
CA ALA B 66 -5.70 -28.43 8.51
C ALA B 66 -4.38 -28.69 9.20
N GLU B 67 -3.49 -29.25 8.43
CA GLU B 67 -2.19 -29.59 9.00
C GLU B 67 -1.20 -28.43 8.90
N VAL B 68 -1.43 -27.46 8.03
CA VAL B 68 -0.65 -26.22 8.11
C VAL B 68 -1.19 -25.40 9.31
N GLY B 69 -2.47 -25.60 9.67
CA GLY B 69 -3.06 -25.05 10.87
C GLY B 69 -2.28 -25.51 12.08
N LYS B 70 -2.32 -26.77 12.44
CA LYS B 70 -1.59 -27.25 13.61
C LYS B 70 -0.07 -27.02 13.55
N LEU B 71 0.56 -26.91 12.37
CA LEU B 71 1.99 -26.62 12.28
C LEU B 71 2.32 -25.17 12.53
N LEU B 72 1.63 -24.24 11.93
CA LEU B 72 1.96 -22.86 12.22
C LEU B 72 1.26 -22.33 13.45
N GLY B 73 0.15 -22.85 13.94
CA GLY B 73 -0.54 -22.22 15.06
C GLY B 73 -0.80 -20.76 14.70
N ASP B 74 -0.41 -19.76 15.50
CA ASP B 74 -0.62 -18.35 15.09
C ASP B 74 0.55 -17.71 14.35
N GLN B 75 1.55 -18.51 13.97
CA GLN B 75 2.67 -17.96 13.22
C GLN B 75 2.33 -17.75 11.75
N LYS B 76 2.56 -16.51 11.42
CA LYS B 76 2.41 -16.05 10.06
C LYS B 76 3.70 -16.30 9.25
N VAL B 77 3.67 -16.37 7.93
CA VAL B 77 4.86 -16.59 7.16
C VAL B 77 5.17 -15.34 6.29
N ASP B 78 6.40 -15.23 5.84
CA ASP B 78 6.88 -14.10 5.06
C ASP B 78 6.55 -14.28 3.60
N ALA B 79 6.62 -15.56 3.22
CA ALA B 79 6.25 -15.89 1.87
C ALA B 79 5.69 -17.29 1.68
N ILE B 80 4.67 -17.44 0.82
CA ILE B 80 4.32 -18.78 0.38
C ILE B 80 4.77 -18.86 -1.09
N LEU B 81 5.50 -19.86 -1.49
CA LEU B 81 5.91 -19.94 -2.85
C LEU B 81 5.27 -21.14 -3.43
N CYS B 82 4.19 -21.08 -4.19
CA CYS B 82 3.56 -22.28 -4.77
C CYS B 82 4.34 -22.60 -6.03
N VAL B 83 5.22 -23.62 -5.96
CA VAL B 83 6.06 -24.02 -7.11
C VAL B 83 5.84 -25.44 -7.63
N ALA B 84 4.83 -26.04 -7.02
CA ALA B 84 4.26 -27.28 -7.49
C ALA B 84 3.83 -27.15 -8.91
N GLY B 85 3.96 -28.14 -9.70
CA GLY B 85 3.51 -28.04 -11.08
C GLY B 85 3.99 -29.18 -11.93
N GLY B 86 4.31 -28.96 -13.19
CA GLY B 86 4.80 -30.08 -14.00
C GLY B 86 4.29 -29.99 -15.43
N TRP B 87 4.35 -31.08 -16.21
CA TRP B 87 3.90 -31.06 -17.60
C TRP B 87 3.31 -32.37 -18.07
N ALA B 88 2.31 -32.24 -18.93
CA ALA B 88 1.78 -33.36 -19.66
C ALA B 88 1.18 -32.71 -20.87
N GLY B 89 1.59 -33.29 -21.98
CA GLY B 89 1.11 -32.88 -23.30
C GLY B 89 -0.27 -33.45 -23.62
N GLY B 90 -0.66 -33.29 -24.88
CA GLY B 90 -1.96 -33.79 -25.33
C GLY B 90 -2.79 -32.77 -26.10
N ASN B 91 -3.20 -33.02 -27.35
CA ASN B 91 -4.14 -32.13 -28.01
C ASN B 91 -5.57 -32.55 -27.70
N ALA B 92 -6.63 -32.00 -28.26
CA ALA B 92 -8.01 -32.37 -27.91
C ALA B 92 -8.51 -33.71 -28.47
N LYS B 93 -7.91 -34.16 -29.57
CA LYS B 93 -8.23 -35.45 -30.19
C LYS B 93 -7.60 -36.65 -29.49
N SER B 94 -6.72 -36.35 -28.55
CA SER B 94 -5.94 -37.36 -27.83
C SER B 94 -6.59 -38.37 -26.91
N LYS B 95 -5.91 -39.47 -27.00
CA LYS B 95 -6.16 -40.67 -26.21
C LYS B 95 -6.19 -40.34 -24.69
N SER B 96 -5.05 -39.75 -24.41
CA SER B 96 -4.62 -39.23 -23.10
C SER B 96 -5.15 -37.88 -22.61
N LEU B 97 -5.85 -37.07 -23.44
CA LEU B 97 -6.37 -35.79 -22.98
C LEU B 97 -6.99 -35.79 -21.57
N PHE B 98 -7.76 -36.79 -21.22
CA PHE B 98 -8.44 -36.83 -19.93
C PHE B 98 -7.52 -37.30 -18.80
N LYS B 99 -6.56 -38.15 -19.08
CA LYS B 99 -5.62 -38.52 -18.06
C LYS B 99 -4.72 -37.33 -17.77
N ASN B 100 -4.27 -36.64 -18.81
CA ASN B 100 -3.40 -35.50 -18.56
C ASN B 100 -4.12 -34.30 -18.00
N CYS B 101 -5.31 -33.93 -18.47
CA CYS B 101 -6.07 -32.84 -17.88
C CYS B 101 -6.22 -33.07 -16.39
N ASP B 102 -6.72 -34.18 -15.88
CA ASP B 102 -6.81 -34.40 -14.43
C ASP B 102 -5.45 -34.32 -13.70
N LEU B 103 -4.34 -34.78 -14.32
CA LEU B 103 -2.99 -34.63 -13.73
C LEU B 103 -2.61 -33.16 -13.57
N MET B 104 -2.66 -32.39 -14.65
CA MET B 104 -2.51 -30.95 -14.67
C MET B 104 -3.45 -30.17 -13.75
N TRP B 105 -4.74 -30.48 -13.66
CA TRP B 105 -5.64 -29.72 -12.83
C TRP B 105 -5.31 -29.95 -11.34
N LYS B 106 -4.98 -31.18 -11.03
CA LYS B 106 -4.54 -31.48 -9.68
C LYS B 106 -3.17 -30.89 -9.29
N GLN B 107 -2.32 -30.74 -10.30
CA GLN B 107 -1.03 -30.15 -10.08
C GLN B 107 -1.05 -28.64 -10.11
N SER B 108 -1.71 -27.87 -10.99
CA SER B 108 -1.65 -26.41 -10.80
C SER B 108 -2.91 -25.74 -10.25
N ILE B 109 -4.11 -26.08 -10.74
CA ILE B 109 -5.32 -25.41 -10.22
C ILE B 109 -5.62 -25.88 -8.81
N TRP B 110 -5.46 -27.14 -8.43
CA TRP B 110 -5.70 -27.52 -7.03
C TRP B 110 -4.73 -26.89 -6.06
N THR B 111 -3.44 -26.99 -6.35
CA THR B 111 -2.37 -26.44 -5.49
C THR B 111 -2.38 -24.92 -5.37
N SER B 112 -2.37 -24.13 -6.44
CA SER B 112 -2.59 -22.68 -6.35
C SER B 112 -3.85 -22.26 -5.60
N THR B 113 -4.95 -22.99 -5.52
CA THR B 113 -6.19 -22.60 -4.79
C THR B 113 -6.12 -22.94 -3.30
N ILE B 114 -5.59 -24.09 -2.89
CA ILE B 114 -5.29 -24.35 -1.48
C ILE B 114 -4.21 -23.33 -0.99
N SER B 115 -3.12 -22.99 -1.74
CA SER B 115 -2.07 -22.01 -1.34
C SER B 115 -2.58 -20.61 -1.19
N SER B 116 -3.50 -20.25 -2.08
CA SER B 116 -4.10 -18.93 -1.99
C SER B 116 -4.82 -18.76 -0.67
N HIS B 117 -5.52 -19.82 -0.23
CA HIS B 117 -6.26 -19.78 1.04
C HIS B 117 -5.30 -19.76 2.20
N LEU B 118 -4.25 -20.60 2.18
CA LEU B 118 -3.25 -20.58 3.20
C LEU B 118 -2.65 -19.21 3.19
N ALA B 119 -2.57 -18.49 2.08
CA ALA B 119 -2.12 -17.12 2.09
C ALA B 119 -3.04 -16.23 2.90
N THR B 120 -4.34 -16.21 2.69
CA THR B 120 -5.21 -15.29 3.42
C THR B 120 -5.23 -15.45 4.93
N LYS B 121 -4.92 -16.68 5.37
CA LYS B 121 -4.80 -17.07 6.79
C LYS B 121 -3.38 -17.06 7.42
N HIS B 122 -2.36 -17.61 6.79
CA HIS B 122 -1.01 -17.64 7.35
C HIS B 122 -0.09 -16.54 6.87
N LEU B 123 -0.48 -15.59 6.04
CA LEU B 123 0.53 -14.73 5.44
C LEU B 123 0.56 -13.34 5.98
N LYS B 124 1.79 -12.90 6.25
CA LYS B 124 2.06 -11.57 6.75
C LYS B 124 1.52 -10.38 5.97
N GLU B 125 1.22 -9.26 6.60
CA GLU B 125 0.89 -8.10 5.78
C GLU B 125 2.15 -7.69 5.04
N GLY B 126 2.23 -7.16 3.81
CA GLY B 126 3.54 -6.99 3.15
C GLY B 126 4.18 -8.29 2.63
N GLY B 127 3.69 -9.46 2.99
CA GLY B 127 4.23 -10.72 2.54
C GLY B 127 4.00 -11.10 1.08
N LEU B 128 4.35 -12.33 0.70
CA LEU B 128 4.37 -12.68 -0.70
C LEU B 128 3.84 -14.05 -1.00
N LEU B 129 2.94 -14.16 -1.97
CA LEU B 129 2.47 -15.44 -2.48
C LEU B 129 3.02 -15.48 -3.89
N THR B 130 3.83 -16.46 -4.26
CA THR B 130 4.17 -16.59 -5.67
C THR B 130 3.43 -17.80 -6.23
N LEU B 131 2.76 -17.55 -7.35
CA LEU B 131 2.02 -18.55 -8.15
C LEU B 131 2.82 -19.11 -9.38
N ALA B 132 2.76 -20.40 -9.72
CA ALA B 132 3.45 -21.01 -10.85
C ALA B 132 2.71 -21.03 -12.17
N GLY B 133 2.87 -19.99 -12.97
CA GLY B 133 2.26 -19.95 -14.28
C GLY B 133 3.18 -20.57 -15.29
N ALA B 134 2.95 -20.25 -16.53
CA ALA B 134 3.83 -20.69 -17.59
C ALA B 134 3.55 -19.72 -18.71
N LYS B 135 4.50 -19.26 -19.51
CA LYS B 135 4.21 -18.33 -20.59
C LYS B 135 3.50 -18.94 -21.79
N ALA B 136 3.52 -20.24 -21.96
CA ALA B 136 2.81 -20.88 -23.07
C ALA B 136 1.35 -20.52 -23.20
N ALA B 137 0.77 -20.41 -21.99
CA ALA B 137 -0.66 -20.15 -21.72
C ALA B 137 -1.19 -18.74 -21.96
N LEU B 138 -0.27 -17.83 -22.33
CA LEU B 138 -0.68 -16.49 -22.62
C LEU B 138 -1.35 -16.53 -23.98
N ASP B 139 -1.33 -17.68 -24.63
CA ASP B 139 -2.08 -17.91 -25.82
C ASP B 139 -2.53 -19.36 -25.88
N GLY B 140 -3.04 -19.71 -27.06
CA GLY B 140 -3.52 -21.04 -27.29
C GLY B 140 -2.40 -22.07 -27.27
N THR B 141 -2.64 -23.16 -26.58
CA THR B 141 -1.67 -24.23 -26.50
C THR B 141 -2.28 -25.50 -27.12
N PRO B 142 -2.46 -25.61 -28.48
CA PRO B 142 -3.20 -26.71 -29.18
C PRO B 142 -2.74 -28.13 -28.79
N GLY B 143 -1.42 -28.22 -28.66
CA GLY B 143 -0.74 -29.44 -28.30
C GLY B 143 -0.69 -29.79 -26.82
N MET B 144 -1.36 -29.05 -25.95
CA MET B 144 -1.35 -29.28 -24.49
C MET B 144 -2.49 -28.52 -23.80
N ILE B 145 -3.71 -28.98 -24.10
CA ILE B 145 -4.99 -28.39 -23.68
C ILE B 145 -4.91 -28.28 -22.19
N GLY B 146 -4.69 -29.41 -21.56
CA GLY B 146 -4.61 -29.57 -20.12
C GLY B 146 -3.67 -28.61 -19.46
N TYR B 147 -2.44 -28.50 -19.97
CA TYR B 147 -1.45 -27.58 -19.43
C TYR B 147 -1.79 -26.10 -19.45
N GLY B 148 -2.13 -25.68 -20.65
CA GLY B 148 -2.54 -24.30 -20.92
C GLY B 148 -3.72 -23.92 -20.09
N MET B 149 -4.75 -24.76 -20.03
CA MET B 149 -5.96 -24.54 -19.20
C MET B 149 -5.72 -24.34 -17.70
N ALA B 150 -4.86 -25.22 -17.12
CA ALA B 150 -4.42 -25.17 -15.73
C ALA B 150 -3.62 -23.92 -15.48
N LYS B 151 -2.60 -23.62 -16.29
CA LYS B 151 -1.84 -22.38 -16.06
C LYS B 151 -2.59 -21.11 -16.43
N GLY B 152 -3.42 -20.97 -17.46
CA GLY B 152 -4.26 -19.83 -17.75
C GLY B 152 -5.28 -19.56 -16.63
N ALA B 153 -5.85 -20.59 -16.03
CA ALA B 153 -6.60 -20.50 -14.78
C ALA B 153 -5.79 -19.81 -13.68
N VAL B 154 -4.57 -20.27 -13.40
CA VAL B 154 -3.62 -19.64 -12.46
C VAL B 154 -3.35 -18.23 -12.87
N HIS B 155 -3.21 -17.79 -14.11
CA HIS B 155 -3.00 -16.37 -14.38
C HIS B 155 -4.21 -15.50 -14.07
N GLN B 156 -5.42 -16.00 -14.29
CA GLN B 156 -6.63 -15.27 -13.94
C GLN B 156 -6.67 -15.10 -12.43
N LEU B 157 -6.40 -16.19 -11.68
CA LEU B 157 -6.27 -16.16 -10.21
C LEU B 157 -5.38 -15.03 -9.67
N CYS B 158 -4.17 -14.72 -10.19
CA CYS B 158 -3.39 -13.52 -9.84
C CYS B 158 -4.17 -12.24 -9.86
N GLN B 159 -4.78 -11.98 -11.00
CA GLN B 159 -5.63 -10.83 -11.19
C GLN B 159 -6.65 -10.72 -10.06
N SER B 160 -7.28 -11.82 -9.70
CA SER B 160 -8.23 -11.87 -8.60
C SER B 160 -7.60 -11.62 -7.24
N LEU B 161 -6.47 -12.20 -6.88
CA LEU B 161 -5.89 -11.93 -5.56
C LEU B 161 -5.31 -10.52 -5.44
N ALA B 162 -5.00 -9.98 -6.59
CA ALA B 162 -4.63 -8.59 -6.70
C ALA B 162 -5.82 -7.68 -6.54
N GLY B 163 -7.02 -8.24 -6.45
CA GLY B 163 -8.20 -7.40 -6.43
C GLY B 163 -8.66 -6.90 -5.08
N LYS B 164 -9.36 -5.77 -5.03
CA LYS B 164 -9.99 -5.33 -3.76
C LYS B 164 -10.83 -6.42 -3.04
N ASN B 165 -10.80 -6.60 -1.71
CA ASN B 165 -11.53 -7.67 -1.01
C ASN B 165 -11.38 -9.14 -1.40
N SER B 166 -10.16 -9.54 -1.75
CA SER B 166 -9.90 -10.89 -2.15
C SER B 166 -9.47 -11.84 -1.05
N GLY B 167 -9.08 -11.29 0.08
CA GLY B 167 -8.61 -12.10 1.19
C GLY B 167 -7.11 -11.95 1.46
N MET B 168 -6.36 -11.49 0.48
CA MET B 168 -4.94 -11.27 0.67
C MET B 168 -4.67 -10.29 1.81
N PRO B 169 -3.81 -10.65 2.77
CA PRO B 169 -3.35 -9.73 3.77
C PRO B 169 -3.00 -8.34 3.27
N SER B 170 -3.35 -7.32 4.02
CA SER B 170 -2.97 -5.92 3.72
C SER B 170 -1.50 -5.65 3.31
N GLY B 171 -1.24 -5.19 2.09
CA GLY B 171 0.13 -4.91 1.65
C GLY B 171 0.94 -6.10 1.12
N ALA B 172 0.38 -7.31 1.19
CA ALA B 172 1.05 -8.50 0.63
C ALA B 172 0.75 -8.68 -0.85
N ALA B 173 1.44 -9.55 -1.55
CA ALA B 173 1.23 -9.61 -2.99
C ALA B 173 1.18 -10.96 -3.62
N ALA B 174 0.46 -10.97 -4.70
CA ALA B 174 0.35 -12.14 -5.54
C ALA B 174 1.13 -11.92 -6.84
N ILE B 175 2.14 -12.74 -7.12
CA ILE B 175 2.89 -12.64 -8.38
C ILE B 175 3.03 -14.02 -9.03
N ALA B 176 2.55 -14.10 -10.26
CA ALA B 176 2.60 -15.35 -11.00
C ALA B 176 3.83 -15.23 -11.86
N VAL B 177 4.78 -16.10 -11.59
CA VAL B 177 5.98 -16.29 -12.39
C VAL B 177 5.68 -17.17 -13.61
N LEU B 178 6.08 -16.73 -14.79
CA LEU B 178 5.74 -17.33 -16.07
C LEU B 178 6.89 -17.87 -16.92
N PRO B 179 7.48 -19.00 -16.56
CA PRO B 179 8.63 -19.56 -17.24
C PRO B 179 8.35 -20.08 -18.65
N VAL B 180 9.40 -20.33 -19.45
CA VAL B 180 9.18 -21.09 -20.66
C VAL B 180 9.65 -22.50 -20.28
N THR B 181 10.90 -22.71 -19.89
CA THR B 181 11.26 -24.06 -19.52
C THR B 181 12.25 -23.97 -18.43
N LEU B 182 12.02 -24.45 -17.22
CA LEU B 182 13.05 -24.43 -16.22
C LEU B 182 14.12 -25.46 -16.53
N ASP B 183 15.21 -25.56 -15.77
CA ASP B 183 16.29 -26.47 -16.11
C ASP B 183 16.64 -27.34 -14.94
N THR B 184 16.03 -28.54 -15.01
CA THR B 184 16.14 -29.58 -13.97
C THR B 184 16.90 -30.82 -14.46
N PRO B 185 17.47 -31.75 -13.68
CA PRO B 185 18.08 -32.96 -14.24
C PRO B 185 17.12 -33.82 -15.09
N MET B 186 15.86 -33.87 -14.62
CA MET B 186 14.81 -34.55 -15.37
C MET B 186 14.59 -33.96 -16.75
N ASN B 187 14.27 -32.67 -16.88
CA ASN B 187 14.23 -31.98 -18.19
C ASN B 187 15.42 -32.25 -19.12
N ARG B 188 16.63 -32.32 -18.56
CA ARG B 188 17.82 -32.58 -19.36
C ARG B 188 17.72 -34.00 -19.84
N LYS B 189 17.38 -34.93 -18.93
CA LYS B 189 17.24 -36.35 -19.31
C LYS B 189 16.19 -36.62 -20.36
N SER B 190 14.99 -36.09 -20.18
CA SER B 190 13.94 -36.25 -21.18
C SER B 190 14.15 -35.42 -22.43
N MET B 191 14.69 -34.20 -22.42
CA MET B 191 14.81 -33.44 -23.67
C MET B 191 16.22 -33.23 -24.21
N PRO B 192 16.93 -34.31 -24.42
CA PRO B 192 18.39 -34.41 -24.48
C PRO B 192 19.20 -33.50 -25.42
N GLU B 193 18.53 -33.32 -26.53
CA GLU B 193 19.11 -32.53 -27.59
C GLU B 193 18.63 -31.09 -27.67
N ALA B 194 18.11 -30.70 -26.52
CA ALA B 194 17.60 -29.36 -26.32
C ALA B 194 18.70 -28.44 -25.93
N ASP B 195 18.59 -27.21 -26.44
CA ASP B 195 19.53 -26.17 -26.04
C ASP B 195 19.38 -25.84 -24.56
N PHE B 196 20.17 -26.41 -23.67
CA PHE B 196 20.00 -26.09 -22.25
C PHE B 196 20.28 -24.67 -21.89
N SER B 197 20.93 -23.96 -22.78
CA SER B 197 21.15 -22.56 -22.46
C SER B 197 19.91 -21.65 -22.56
N SER B 198 18.76 -22.20 -22.99
CA SER B 198 17.46 -21.46 -23.04
C SER B 198 16.42 -21.88 -22.00
N TRP B 199 16.89 -22.75 -21.13
CA TRP B 199 16.21 -23.23 -19.95
C TRP B 199 16.56 -22.32 -18.76
N THR B 200 15.73 -21.88 -17.82
CA THR B 200 16.22 -21.05 -16.74
C THR B 200 16.84 -21.91 -15.66
N PRO B 201 17.96 -21.50 -15.09
CA PRO B 201 18.53 -22.19 -13.94
C PRO B 201 17.69 -22.07 -12.71
N LEU B 202 17.50 -23.11 -11.88
CA LEU B 202 16.70 -23.04 -10.65
C LEU B 202 17.13 -21.92 -9.69
N GLU B 203 18.41 -21.58 -9.76
CA GLU B 203 19.04 -20.56 -8.94
C GLU B 203 18.63 -19.14 -9.21
N PHE B 204 18.28 -18.88 -10.47
CA PHE B 204 17.88 -17.52 -10.81
C PHE B 204 16.51 -17.35 -10.22
N LEU B 205 15.72 -18.42 -10.08
CA LEU B 205 14.44 -18.19 -9.46
C LEU B 205 14.68 -18.11 -7.98
N VAL B 206 15.41 -18.95 -7.24
CA VAL B 206 15.75 -18.73 -5.81
C VAL B 206 16.25 -17.26 -5.55
N GLU B 207 17.20 -16.76 -6.35
CA GLU B 207 17.68 -15.37 -6.33
C GLU B 207 16.57 -14.30 -6.42
N THR B 208 15.71 -14.55 -7.39
CA THR B 208 14.53 -13.72 -7.60
C THR B 208 13.63 -13.84 -6.41
N PHE B 209 13.20 -15.00 -5.91
CA PHE B 209 12.30 -15.04 -4.73
C PHE B 209 12.98 -14.44 -3.52
N HIS B 210 14.32 -14.54 -3.45
CA HIS B 210 15.09 -13.85 -2.42
C HIS B 210 14.96 -12.29 -2.42
N ASP B 211 15.16 -11.63 -3.55
CA ASP B 211 14.96 -10.22 -3.63
C ASP B 211 13.52 -9.81 -3.35
N TRP B 212 12.59 -10.51 -3.97
CA TRP B 212 11.18 -10.21 -3.78
C TRP B 212 10.71 -10.36 -2.31
N ILE B 213 11.06 -11.46 -1.62
CA ILE B 213 10.70 -11.76 -0.22
C ILE B 213 11.26 -10.72 0.74
N THR B 214 12.46 -10.25 0.39
CA THR B 214 13.10 -9.22 1.19
C THR B 214 13.03 -7.85 0.55
N GLY B 215 11.80 -7.42 0.25
CA GLY B 215 11.48 -6.07 -0.25
C GLY B 215 12.22 -5.48 -1.46
N ASN B 216 13.21 -6.17 -1.96
CA ASN B 216 14.06 -5.63 -2.98
C ASN B 216 13.48 -5.67 -4.39
N LYS B 217 13.14 -4.50 -4.93
CA LYS B 217 12.57 -4.40 -6.28
C LYS B 217 11.35 -5.33 -6.57
N ARG B 218 10.47 -5.50 -5.59
CA ARG B 218 9.33 -6.41 -5.68
C ARG B 218 8.19 -5.86 -6.50
N PRO B 219 7.66 -6.62 -7.47
CA PRO B 219 6.69 -6.15 -8.41
C PRO B 219 5.26 -6.27 -7.90
N ASN B 220 4.48 -5.23 -8.20
CA ASN B 220 3.07 -5.10 -7.82
C ASN B 220 2.24 -6.37 -7.75
N SER B 221 1.26 -6.43 -6.84
CA SER B 221 0.37 -7.58 -6.83
C SER B 221 -0.36 -7.71 -8.16
N GLY B 222 -0.76 -8.89 -8.55
CA GLY B 222 -1.42 -9.01 -9.84
C GLY B 222 -0.45 -9.28 -10.98
N SER B 223 0.81 -8.98 -10.76
CA SER B 223 1.87 -9.16 -11.76
C SER B 223 2.12 -10.50 -12.40
N LEU B 224 2.08 -10.58 -13.72
CA LEU B 224 2.45 -11.80 -14.44
C LEU B 224 3.87 -11.59 -15.02
N ILE B 225 4.90 -12.09 -14.31
CA ILE B 225 6.34 -11.92 -14.66
C ILE B 225 6.94 -13.05 -15.54
N GLN B 226 7.23 -12.77 -16.82
CA GLN B 226 7.83 -13.74 -17.72
C GLN B 226 9.30 -14.05 -17.44
N VAL B 227 9.77 -15.28 -17.58
CA VAL B 227 11.15 -15.59 -17.31
C VAL B 227 11.60 -16.22 -18.64
N VAL B 228 12.36 -15.49 -19.41
CA VAL B 228 12.93 -15.94 -20.66
C VAL B 228 14.48 -16.06 -20.60
N THR B 229 15.12 -17.24 -20.80
CA THR B 229 16.57 -17.40 -20.82
C THR B 229 16.95 -17.53 -22.29
N THR B 230 17.94 -16.79 -22.72
CA THR B 230 18.44 -16.91 -24.08
C THR B 230 19.90 -17.11 -23.88
N ASP B 231 20.58 -18.11 -24.31
CA ASP B 231 22.02 -18.23 -24.24
C ASP B 231 22.61 -18.07 -22.84
N GLY B 232 21.90 -18.45 -21.79
CA GLY B 232 22.42 -18.30 -20.45
C GLY B 232 21.85 -17.07 -19.74
N LYS B 233 21.44 -16.01 -20.42
CA LYS B 233 20.92 -14.82 -19.77
C LYS B 233 19.39 -14.76 -19.70
N THR B 234 18.99 -14.82 -18.42
CA THR B 234 17.59 -14.73 -18.05
C THR B 234 17.03 -13.33 -17.90
N GLU B 235 15.82 -13.19 -18.42
CA GLU B 235 15.08 -11.96 -18.40
C GLU B 235 13.66 -12.01 -17.89
N LEU B 236 13.41 -11.10 -16.98
CA LEU B 236 12.11 -10.88 -16.37
C LEU B 236 11.33 -9.78 -17.06
N THR B 237 10.14 -10.02 -17.56
CA THR B 237 9.40 -9.00 -18.30
C THR B 237 7.96 -9.03 -17.91
N PRO B 238 7.25 -7.94 -17.72
CA PRO B 238 5.84 -7.95 -17.45
C PRO B 238 5.05 -8.47 -18.64
N ALA B 239 4.03 -9.22 -18.27
CA ALA B 239 3.00 -9.63 -19.19
C ALA B 239 1.75 -8.88 -18.74
N TYR B 240 0.82 -8.47 -19.58
CA TYR B 240 -0.38 -7.86 -19.05
C TYR B 240 -1.65 -8.69 -19.31
N PHE B 241 -2.47 -9.15 -18.33
CA PHE B 241 -3.67 -9.96 -18.61
C PHE B 241 -4.83 -9.18 -19.27
N GLU C 6 -7.64 6.64 -9.53
CA GLU C 6 -8.03 8.05 -9.47
C GLU C 6 -6.88 9.05 -9.39
N ALA C 7 -5.66 8.54 -9.35
CA ALA C 7 -4.55 9.46 -9.35
C ALA C 7 -3.55 9.06 -10.38
N ARG C 8 -3.14 9.98 -11.24
CA ARG C 8 -2.08 9.59 -12.13
C ARG C 8 -0.92 10.48 -11.80
N ARG C 9 -1.08 11.75 -11.45
CA ARG C 9 0.06 12.65 -11.20
C ARG C 9 0.46 12.75 -9.75
N VAL C 10 1.62 12.34 -9.31
CA VAL C 10 1.97 12.39 -7.88
C VAL C 10 3.33 12.98 -7.65
N LEU C 11 3.51 13.93 -6.73
CA LEU C 11 4.85 14.41 -6.32
C LEU C 11 5.29 13.79 -4.98
N VAL C 12 6.43 13.13 -5.03
CA VAL C 12 7.00 12.47 -3.86
C VAL C 12 8.19 13.28 -3.35
N TYR C 13 7.95 14.18 -2.38
CA TYR C 13 9.01 14.99 -1.82
C TYR C 13 9.77 13.99 -0.96
N GLY C 14 11.05 13.81 -1.16
CA GLY C 14 11.72 12.69 -0.49
C GLY C 14 11.87 11.45 -1.38
N GLY C 15 11.79 11.62 -2.70
CA GLY C 15 11.77 10.49 -3.63
C GLY C 15 12.90 9.45 -3.62
N ARG C 16 14.02 9.63 -2.94
CA ARG C 16 15.08 8.62 -2.95
C ARG C 16 15.25 7.96 -1.59
N GLY C 17 14.46 8.33 -0.60
CA GLY C 17 14.58 7.70 0.70
C GLY C 17 13.95 6.32 0.75
N ALA C 18 13.96 5.54 1.81
CA ALA C 18 13.42 4.18 1.82
C ALA C 18 11.93 4.03 1.53
N LEU C 19 11.05 4.66 2.33
CA LEU C 19 9.66 4.67 1.98
C LEU C 19 9.37 5.41 0.66
N GLY C 20 9.70 6.67 0.47
CA GLY C 20 9.39 7.40 -0.78
C GLY C 20 9.89 6.77 -2.07
N SER C 21 10.87 5.87 -1.97
CA SER C 21 11.37 5.13 -3.11
C SER C 21 10.42 4.11 -3.71
N ARG C 22 9.84 3.31 -2.78
CA ARG C 22 8.82 2.28 -3.03
C ARG C 22 7.59 2.97 -3.55
N CYS C 23 7.28 4.18 -3.07
CA CYS C 23 6.25 4.96 -3.74
C CYS C 23 6.74 5.25 -5.14
N VAL C 24 7.91 5.73 -5.60
CA VAL C 24 8.14 5.87 -7.05
C VAL C 24 8.03 4.50 -7.83
N GLN C 25 8.47 3.39 -7.29
CA GLN C 25 8.27 2.08 -7.89
C GLN C 25 6.85 1.57 -8.15
N ALA C 26 5.99 1.48 -7.12
CA ALA C 26 4.62 1.06 -7.34
C ALA C 26 3.83 2.00 -8.22
N PHE C 27 3.95 3.31 -8.04
CA PHE C 27 3.17 4.20 -8.85
C PHE C 27 3.64 4.32 -10.28
N ARG C 28 4.94 4.25 -10.65
CA ARG C 28 5.32 4.15 -12.08
C ARG C 28 4.89 2.80 -12.67
N ALA C 29 4.91 1.71 -11.89
CA ALA C 29 4.39 0.42 -12.34
C ALA C 29 2.88 0.47 -12.50
N ARG C 30 2.26 1.44 -11.83
CA ARG C 30 0.88 1.74 -12.06
C ARG C 30 0.81 2.77 -13.21
N ASN C 31 1.86 3.01 -13.98
CA ASN C 31 1.88 4.01 -15.02
C ASN C 31 1.39 5.39 -14.62
N TRP C 32 1.67 5.75 -13.36
CA TRP C 32 1.41 7.12 -12.98
C TRP C 32 2.60 8.04 -13.26
N TRP C 33 2.32 9.33 -13.34
CA TRP C 33 3.38 10.33 -13.50
C TRP C 33 3.98 10.58 -12.12
N VAL C 34 5.17 10.11 -11.78
CA VAL C 34 5.68 10.39 -10.44
C VAL C 34 6.92 11.22 -10.57
N ALA C 35 6.96 12.41 -10.01
CA ALA C 35 8.15 13.28 -10.05
C ALA C 35 8.83 13.34 -8.73
N SER C 36 10.00 12.78 -8.64
CA SER C 36 10.77 12.83 -7.42
C SER C 36 11.39 14.18 -7.07
N ILE C 37 11.34 14.57 -5.80
CA ILE C 37 11.95 15.83 -5.34
C ILE C 37 12.92 15.55 -4.21
N ASP C 38 14.23 15.50 -4.48
CA ASP C 38 15.22 15.16 -3.45
C ASP C 38 16.55 15.86 -3.74
N VAL C 39 17.56 15.61 -2.92
CA VAL C 39 18.97 16.03 -3.12
C VAL C 39 19.80 15.25 -4.20
N VAL C 40 19.09 14.41 -4.95
CA VAL C 40 19.64 13.59 -6.00
C VAL C 40 18.46 13.15 -6.83
N GLU C 41 18.71 13.05 -8.12
CA GLU C 41 17.70 12.59 -9.04
C GLU C 41 17.26 11.17 -8.74
N ASN C 42 15.99 10.84 -9.01
CA ASN C 42 15.56 9.45 -8.96
C ASN C 42 15.35 8.88 -10.38
N GLU C 43 16.25 8.01 -10.86
CA GLU C 43 16.13 7.44 -12.20
C GLU C 43 14.92 6.60 -12.55
N GLU C 44 14.12 6.19 -11.57
CA GLU C 44 12.88 5.49 -11.87
C GLU C 44 11.73 6.46 -11.98
N ALA C 45 11.83 7.65 -11.46
CA ALA C 45 10.75 8.62 -11.59
C ALA C 45 10.53 9.17 -12.98
N SER C 46 9.34 9.72 -13.29
CA SER C 46 9.06 10.46 -14.54
C SER C 46 9.79 11.83 -14.65
N ALA C 47 10.25 12.33 -13.48
CA ALA C 47 10.90 13.62 -13.31
C ALA C 47 11.71 13.76 -12.02
N SER C 48 12.68 14.67 -11.96
CA SER C 48 13.41 14.91 -10.74
C SER C 48 13.62 16.38 -10.55
N VAL C 49 13.32 16.95 -9.39
CA VAL C 49 13.63 18.35 -9.02
C VAL C 49 14.81 18.21 -8.08
N ILE C 50 15.96 18.83 -8.29
CA ILE C 50 17.07 18.54 -7.40
C ILE C 50 17.29 19.70 -6.45
N VAL C 51 17.07 19.34 -5.20
CA VAL C 51 17.17 20.29 -4.11
C VAL C 51 18.61 20.70 -3.84
N LYS C 52 18.85 22.00 -4.00
CA LYS C 52 20.14 22.58 -3.78
C LYS C 52 20.33 22.80 -2.30
N MET C 53 21.41 22.19 -1.83
CA MET C 53 21.83 22.26 -0.44
C MET C 53 22.21 23.67 0.04
N THR C 54 21.61 24.21 1.08
CA THR C 54 21.90 25.57 1.50
C THR C 54 21.45 25.83 2.92
N ASP C 55 22.16 26.63 3.71
CA ASP C 55 21.73 27.05 5.05
C ASP C 55 20.72 28.20 4.93
N SER C 56 20.33 28.67 3.73
CA SER C 56 19.27 29.68 3.68
C SER C 56 17.87 29.15 3.37
N PHE C 57 16.91 29.09 4.30
CA PHE C 57 15.57 28.58 4.02
C PHE C 57 14.89 29.10 2.76
N THR C 58 14.87 30.41 2.60
CA THR C 58 14.29 31.00 1.39
C THR C 58 15.01 30.66 0.09
N GLU C 59 16.21 30.11 0.08
CA GLU C 59 16.93 29.77 -1.14
C GLU C 59 16.52 28.36 -1.55
N GLN C 60 16.61 27.42 -0.66
CA GLN C 60 16.03 26.11 -0.90
C GLN C 60 14.52 26.28 -1.27
N ALA C 61 13.74 27.04 -0.48
CA ALA C 61 12.33 27.17 -0.78
C ALA C 61 12.01 27.87 -2.06
N ASP C 62 12.83 28.82 -2.53
CA ASP C 62 12.51 29.41 -3.84
C ASP C 62 13.03 28.58 -5.03
N GLN C 63 14.15 27.89 -4.92
CA GLN C 63 14.56 27.07 -6.04
C GLN C 63 13.59 25.87 -6.18
N VAL C 64 13.14 25.20 -5.11
CA VAL C 64 12.14 24.14 -5.26
C VAL C 64 10.85 24.69 -5.85
N THR C 65 10.16 25.64 -5.25
CA THR C 65 8.94 26.21 -5.81
C THR C 65 9.01 26.65 -7.28
N ALA C 66 10.19 27.11 -7.67
CA ALA C 66 10.49 27.50 -9.03
C ALA C 66 10.67 26.28 -9.91
N GLU C 67 11.57 25.34 -9.66
CA GLU C 67 11.73 24.16 -10.49
C GLU C 67 10.48 23.28 -10.58
N VAL C 68 9.76 23.09 -9.47
CA VAL C 68 8.50 22.34 -9.52
C VAL C 68 7.49 23.23 -10.27
N GLY C 69 7.43 24.55 -9.98
CA GLY C 69 6.56 25.47 -10.72
C GLY C 69 6.78 25.47 -12.25
N LYS C 70 8.00 25.23 -12.72
CA LYS C 70 8.30 25.08 -14.13
C LYS C 70 7.83 23.73 -14.57
N LEU C 71 8.32 22.65 -13.93
CA LEU C 71 7.95 21.24 -14.28
C LEU C 71 6.47 20.91 -14.50
N LEU C 72 5.57 21.53 -13.75
CA LEU C 72 4.19 21.23 -13.99
C LEU C 72 3.40 22.24 -14.78
N GLY C 73 3.87 23.46 -14.69
CA GLY C 73 3.16 24.59 -15.29
C GLY C 73 1.71 24.73 -14.83
N ASP C 74 0.87 24.85 -15.84
CA ASP C 74 -0.56 24.91 -15.63
C ASP C 74 -1.14 23.56 -15.17
N GLN C 75 -0.45 22.41 -15.19
CA GLN C 75 -1.07 21.15 -14.71
C GLN C 75 -1.24 20.98 -13.19
N LYS C 76 -2.30 20.32 -12.71
CA LYS C 76 -2.48 20.11 -11.28
C LYS C 76 -2.14 18.66 -10.92
N VAL C 77 -1.61 18.33 -9.73
CA VAL C 77 -1.37 16.92 -9.31
C VAL C 77 -2.39 16.36 -8.31
N ASP C 78 -2.61 15.06 -8.39
CA ASP C 78 -3.53 14.40 -7.51
C ASP C 78 -3.01 14.35 -6.08
N ALA C 79 -1.69 14.15 -5.94
CA ALA C 79 -1.06 14.12 -4.62
C ALA C 79 0.37 14.58 -4.45
N ILE C 80 0.62 15.13 -3.27
CA ILE C 80 1.95 15.52 -2.85
C ILE C 80 2.31 14.69 -1.63
N LEU C 81 3.05 13.58 -1.77
CA LEU C 81 3.48 12.77 -0.61
C LEU C 81 4.80 13.34 -0.19
N CYS C 82 4.83 13.77 1.05
CA CYS C 82 6.02 14.34 1.62
C CYS C 82 6.54 13.33 2.60
N VAL C 83 7.49 12.49 2.20
CA VAL C 83 8.07 11.50 3.12
C VAL C 83 9.58 11.71 3.53
N ALA C 84 10.09 12.85 3.08
CA ALA C 84 11.37 13.33 3.54
C ALA C 84 11.29 13.51 5.05
N GLY C 85 12.42 13.18 5.62
CA GLY C 85 12.71 13.24 7.03
C GLY C 85 14.07 12.62 7.25
N GLY C 86 14.27 11.75 8.24
CA GLY C 86 15.57 11.19 8.58
C GLY C 86 15.72 11.30 10.09
N TRP C 87 16.81 10.91 10.77
CA TRP C 87 16.88 10.91 12.24
C TRP C 87 18.24 11.10 12.83
N ALA C 88 18.24 11.77 13.97
CA ALA C 88 19.42 11.96 14.75
C ALA C 88 19.00 12.12 16.18
N GLY C 89 19.86 11.64 17.07
CA GLY C 89 19.50 11.70 18.49
C GLY C 89 20.03 12.88 19.31
N GLY C 90 20.05 12.66 20.62
CA GLY C 90 20.71 13.61 21.51
C GLY C 90 19.83 14.44 22.38
N ASN C 91 20.28 14.59 23.61
CA ASN C 91 19.52 15.41 24.54
C ASN C 91 19.93 16.90 24.54
N ALA C 92 19.42 17.80 25.40
CA ALA C 92 19.77 19.23 25.49
C ALA C 92 21.24 19.57 25.87
N LYS C 93 21.86 18.66 26.64
CA LYS C 93 23.28 18.69 27.01
C LYS C 93 24.16 18.24 25.90
N SER C 94 23.66 17.60 24.82
CA SER C 94 24.54 17.01 23.78
C SER C 94 25.40 17.95 22.97
N LYS C 95 26.67 17.65 22.82
CA LYS C 95 27.57 18.47 22.00
C LYS C 95 27.16 18.34 20.53
N SER C 96 26.43 17.29 20.16
CA SER C 96 25.99 17.21 18.79
C SER C 96 24.64 17.87 18.60
N LEU C 97 23.99 18.31 19.70
CA LEU C 97 22.74 19.09 19.67
C LEU C 97 22.70 20.10 18.54
N PHE C 98 23.53 21.14 18.41
CA PHE C 98 23.28 22.11 17.33
C PHE C 98 23.45 21.54 15.91
N LYS C 99 24.22 20.47 15.69
CA LYS C 99 24.33 19.90 14.37
C LYS C 99 23.05 19.10 14.05
N ASN C 100 22.68 18.25 15.00
CA ASN C 100 21.57 17.37 14.79
C ASN C 100 20.29 18.14 14.62
N CYS C 101 20.09 19.11 15.52
CA CYS C 101 18.93 19.95 15.45
C CYS C 101 18.90 20.60 14.08
N ASP C 102 19.96 21.20 13.56
CA ASP C 102 19.91 21.88 12.26
C ASP C 102 19.49 20.99 11.09
N LEU C 103 20.08 19.79 10.99
CA LEU C 103 19.66 18.72 10.08
C LEU C 103 18.21 18.28 10.26
N MET C 104 17.66 18.03 11.42
CA MET C 104 16.28 17.63 11.55
C MET C 104 15.33 18.74 11.14
N TRP C 105 15.57 19.99 11.48
CA TRP C 105 14.70 21.07 11.04
C TRP C 105 14.80 21.28 9.56
N LYS C 106 15.92 20.94 8.92
CA LYS C 106 16.08 20.98 7.45
C LYS C 106 15.39 19.80 6.79
N GLN C 107 15.54 18.60 7.30
CA GLN C 107 14.86 17.46 6.75
C GLN C 107 13.37 17.43 6.93
N SER C 108 12.85 17.91 8.04
CA SER C 108 11.40 17.87 8.26
C SER C 108 10.70 19.21 8.31
N ILE C 109 11.25 20.33 8.82
CA ILE C 109 10.47 21.54 8.74
C ILE C 109 10.62 22.25 7.38
N TRP C 110 11.79 22.28 6.77
CA TRP C 110 11.95 22.90 5.48
C TRP C 110 11.11 22.24 4.41
N THR C 111 11.19 20.92 4.27
CA THR C 111 10.43 20.08 3.34
C THR C 111 8.92 20.03 3.57
N SER C 112 8.40 20.01 4.81
CA SER C 112 6.98 20.18 5.11
C SER C 112 6.41 21.54 4.80
N THR C 113 7.17 22.58 5.08
CA THR C 113 6.72 23.90 4.69
C THR C 113 6.89 24.07 3.20
N ILE C 114 7.91 23.70 2.44
CA ILE C 114 7.81 23.82 0.98
C ILE C 114 6.69 22.90 0.42
N SER C 115 6.43 21.67 0.87
CA SER C 115 5.30 20.85 0.40
C SER C 115 3.95 21.48 0.67
N SER C 116 3.73 22.10 1.82
CA SER C 116 2.51 22.89 2.03
C SER C 116 2.25 23.92 0.95
N HIS C 117 3.28 24.75 0.79
CA HIS C 117 3.16 25.86 -0.12
C HIS C 117 2.83 25.40 -1.54
N LEU C 118 3.39 24.30 -2.04
CA LEU C 118 3.15 23.84 -3.38
C LEU C 118 1.72 23.35 -3.40
N ALA C 119 1.21 22.58 -2.43
CA ALA C 119 -0.18 22.14 -2.47
C ALA C 119 -1.20 23.25 -2.72
N THR C 120 -1.08 24.39 -2.05
CA THR C 120 -1.93 25.55 -2.31
C THR C 120 -1.87 26.09 -3.74
N LYS C 121 -0.75 25.91 -4.44
CA LYS C 121 -0.56 26.30 -5.84
C LYS C 121 -0.67 25.16 -6.88
N HIS C 122 -0.49 23.89 -6.56
CA HIS C 122 -0.39 22.77 -7.54
C HIS C 122 -1.22 21.51 -7.24
N LEU C 123 -1.84 21.46 -6.08
CA LEU C 123 -2.64 20.29 -5.76
C LEU C 123 -4.04 20.46 -6.35
N LYS C 124 -4.44 19.42 -7.09
CA LYS C 124 -5.75 19.36 -7.70
C LYS C 124 -6.86 19.53 -6.66
N GLU C 125 -7.94 20.27 -6.96
CA GLU C 125 -9.01 20.47 -5.97
C GLU C 125 -9.49 19.13 -5.49
N GLY C 126 -9.69 18.88 -4.21
CA GLY C 126 -10.02 17.51 -3.79
C GLY C 126 -8.81 16.63 -3.44
N GLY C 127 -7.57 17.08 -3.72
CA GLY C 127 -6.33 16.30 -3.58
C GLY C 127 -5.73 16.00 -2.21
N LEU C 128 -4.67 15.24 -2.19
CA LEU C 128 -4.01 14.77 -1.01
C LEU C 128 -2.65 15.42 -0.85
N LEU C 129 -2.32 15.70 0.41
CA LEU C 129 -0.96 16.07 0.84
C LEU C 129 -0.75 15.20 2.05
N THR C 130 0.31 14.43 2.13
CA THR C 130 0.59 13.73 3.39
C THR C 130 1.90 14.30 3.97
N LEU C 131 1.91 14.64 5.22
CA LEU C 131 3.14 15.11 5.85
C LEU C 131 3.76 14.02 6.68
N ALA C 132 5.05 14.08 6.86
CA ALA C 132 5.71 13.09 7.64
C ALA C 132 5.83 13.41 9.10
N GLY C 133 5.21 12.63 9.97
CA GLY C 133 5.27 12.96 11.38
C GLY C 133 5.93 11.84 12.18
N ALA C 134 5.70 11.78 13.50
CA ALA C 134 6.18 10.70 14.31
C ALA C 134 5.31 10.48 15.51
N LYS C 135 4.97 9.25 15.89
CA LYS C 135 4.21 8.94 17.12
C LYS C 135 4.89 9.40 18.41
N ALA C 136 6.22 9.27 18.41
CA ALA C 136 7.10 9.67 19.50
C ALA C 136 6.95 11.09 20.03
N ALA C 137 6.80 11.98 19.03
CA ALA C 137 6.69 13.40 19.25
C ALA C 137 5.31 13.85 19.65
N LEU C 138 4.40 12.94 19.99
CA LEU C 138 3.12 13.38 20.58
C LEU C 138 3.32 13.58 22.10
N ASP C 139 4.38 13.04 22.67
CA ASP C 139 4.76 13.29 24.05
C ASP C 139 6.16 13.93 24.06
N GLY C 140 6.80 14.06 25.20
CA GLY C 140 8.14 14.61 25.16
C GLY C 140 9.22 13.67 24.66
N THR C 141 10.12 14.16 23.82
CA THR C 141 11.26 13.38 23.41
C THR C 141 12.63 13.76 24.00
N PRO C 142 12.96 13.50 25.29
CA PRO C 142 14.14 14.03 26.00
C PRO C 142 15.45 13.54 25.48
N GLY C 143 15.47 12.37 24.82
CA GLY C 143 16.67 11.82 24.16
C GLY C 143 16.89 12.15 22.68
N MET C 144 16.03 12.97 22.06
CA MET C 144 16.14 13.38 20.65
C MET C 144 15.33 14.66 20.50
N ILE C 145 15.94 15.74 21.00
CA ILE C 145 15.38 17.11 21.08
C ILE C 145 15.08 17.65 19.68
N GLY C 146 16.03 17.68 18.76
CA GLY C 146 15.81 18.17 17.42
C GLY C 146 14.67 17.47 16.70
N TYR C 147 14.58 16.13 16.79
CA TYR C 147 13.57 15.28 16.13
C TYR C 147 12.17 15.55 16.65
N GLY C 148 11.95 15.34 17.94
CA GLY C 148 10.66 15.62 18.50
C GLY C 148 10.25 17.04 18.24
N MET C 149 11.13 18.04 18.04
CA MET C 149 10.77 19.44 17.77
C MET C 149 10.51 19.84 16.37
N ALA C 150 11.09 19.06 15.48
CA ALA C 150 10.87 19.01 14.01
C ALA C 150 9.57 18.28 13.71
N LYS C 151 9.31 17.05 14.11
CA LYS C 151 7.95 16.41 13.94
C LYS C 151 6.76 17.13 14.60
N GLY C 152 6.63 17.37 15.89
CA GLY C 152 5.76 18.34 16.62
C GLY C 152 5.47 19.59 15.87
N ALA C 153 6.42 20.34 15.33
CA ALA C 153 6.04 21.42 14.40
C ALA C 153 5.25 20.83 13.21
N VAL C 154 5.62 19.74 12.49
CA VAL C 154 4.80 19.13 11.42
C VAL C 154 3.40 18.74 11.86
N HIS C 155 3.18 18.15 13.05
CA HIS C 155 1.83 17.87 13.56
C HIS C 155 1.01 19.14 13.67
N GLN C 156 1.54 20.24 14.19
CA GLN C 156 0.83 21.53 14.31
C GLN C 156 0.52 22.13 12.95
N LEU C 157 1.42 21.97 11.98
CA LEU C 157 1.18 22.34 10.58
C LEU C 157 0.00 21.55 10.06
N CYS C 158 -0.05 20.23 10.08
CA CYS C 158 -1.22 19.46 9.60
C CYS C 158 -2.58 20.05 10.03
N GLN C 159 -2.71 20.46 11.29
CA GLN C 159 -3.91 21.14 11.81
C GLN C 159 -4.16 22.49 11.11
N SER C 160 -3.19 23.42 11.11
CA SER C 160 -3.34 24.68 10.36
C SER C 160 -3.75 24.50 8.92
N LEU C 161 -3.41 23.43 8.26
CA LEU C 161 -3.82 23.22 6.88
C LEU C 161 -5.26 22.79 6.85
N ALA C 162 -5.69 22.05 7.86
CA ALA C 162 -7.07 21.65 7.99
C ALA C 162 -8.02 22.79 8.42
N GLY C 163 -7.43 23.90 8.88
CA GLY C 163 -8.14 25.11 9.21
C GLY C 163 -8.79 25.83 8.02
N LYS C 164 -9.77 26.63 8.37
CA LYS C 164 -10.52 27.48 7.44
C LYS C 164 -9.59 28.52 6.87
N ASN C 165 -9.54 28.76 5.57
CA ASN C 165 -8.75 29.88 5.00
C ASN C 165 -7.22 29.86 5.26
N SER C 166 -6.70 28.73 4.75
CA SER C 166 -5.28 28.33 4.81
C SER C 166 -4.50 28.38 3.52
N GLY C 167 -5.19 28.30 2.42
CA GLY C 167 -4.56 28.20 1.12
C GLY C 167 -4.80 26.81 0.55
N MET C 168 -5.12 25.79 1.37
CA MET C 168 -5.33 24.43 0.87
C MET C 168 -6.38 24.32 -0.21
N PRO C 169 -6.23 23.68 -1.39
CA PRO C 169 -7.25 23.59 -2.44
C PRO C 169 -8.56 23.00 -1.97
N SER C 170 -9.70 23.53 -2.41
CA SER C 170 -10.96 22.99 -1.94
C SER C 170 -11.25 21.51 -2.21
N GLY C 171 -11.71 20.96 -1.12
CA GLY C 171 -11.93 19.53 -1.09
C GLY C 171 -10.67 18.71 -0.78
N ALA C 172 -9.48 19.34 -0.76
CA ALA C 172 -8.23 18.62 -0.50
C ALA C 172 -7.96 18.26 0.95
N ALA C 173 -7.11 17.27 1.25
CA ALA C 173 -6.75 16.84 2.60
C ALA C 173 -5.26 16.76 2.85
N ALA C 174 -4.93 17.33 3.98
CA ALA C 174 -3.57 17.29 4.48
C ALA C 174 -3.59 16.29 5.61
N ILE C 175 -3.09 15.07 5.43
CA ILE C 175 -3.11 14.05 6.48
C ILE C 175 -1.67 13.82 6.98
N ALA C 176 -1.39 13.67 8.28
CA ALA C 176 -0.01 13.34 8.65
C ALA C 176 0.13 11.93 9.13
N VAL C 177 1.24 11.31 8.78
CA VAL C 177 1.46 9.94 9.18
C VAL C 177 2.46 9.83 10.29
N LEU C 178 2.05 9.35 11.47
CA LEU C 178 2.84 9.11 12.70
C LEU C 178 3.41 7.70 12.97
N PRO C 179 4.47 7.22 12.31
CA PRO C 179 5.04 5.92 12.53
C PRO C 179 5.91 5.75 13.76
N VAL C 180 5.95 4.53 14.29
CA VAL C 180 6.98 4.19 15.26
C VAL C 180 8.17 3.62 14.46
N THR C 181 8.37 2.35 14.09
CA THR C 181 9.53 2.03 13.25
C THR C 181 9.20 1.43 11.88
N LEU C 182 9.42 2.16 10.78
CA LEU C 182 9.31 1.63 9.44
C LEU C 182 10.39 0.61 9.27
N ASP C 183 10.07 -0.54 8.74
CA ASP C 183 11.02 -1.61 8.46
C ASP C 183 11.68 -1.19 7.14
N THR C 184 12.99 -1.19 7.05
CA THR C 184 13.73 -0.76 5.87
C THR C 184 15.10 -1.43 5.93
N PRO C 185 15.79 -1.56 4.81
CA PRO C 185 17.20 -1.98 4.78
C PRO C 185 18.12 -1.49 5.91
N MET C 186 18.24 -0.15 5.95
CA MET C 186 19.14 0.50 6.88
C MET C 186 18.65 0.16 8.26
N ASN C 187 17.38 0.22 8.66
CA ASN C 187 17.04 -0.23 10.01
C ASN C 187 17.39 -1.68 10.35
N ARG C 188 17.54 -2.57 9.39
CA ARG C 188 17.99 -3.90 9.76
C ARG C 188 19.50 -3.99 9.89
N LYS C 189 20.25 -3.22 9.08
CA LYS C 189 21.69 -3.12 9.24
C LYS C 189 22.08 -2.32 10.49
N SER C 190 21.39 -1.20 10.78
CA SER C 190 21.52 -0.37 12.00
C SER C 190 20.90 -0.96 13.27
N MET C 191 19.63 -1.37 13.41
CA MET C 191 19.05 -1.93 14.66
C MET C 191 18.80 -3.48 14.83
N PRO C 192 19.83 -4.37 14.86
CA PRO C 192 19.90 -5.73 14.34
C PRO C 192 19.35 -6.89 15.17
N GLU C 193 19.32 -6.67 16.49
CA GLU C 193 18.71 -7.64 17.44
C GLU C 193 17.24 -7.30 17.82
N ALA C 194 16.77 -6.24 17.12
CA ALA C 194 15.44 -5.67 17.29
C ALA C 194 14.33 -6.58 16.85
N ASP C 195 13.21 -6.43 17.52
CA ASP C 195 12.01 -7.09 17.10
C ASP C 195 11.35 -6.45 15.86
N PHE C 196 11.51 -7.15 14.75
CA PHE C 196 10.94 -6.71 13.48
C PHE C 196 9.43 -6.86 13.39
N SER C 197 8.85 -7.69 14.27
CA SER C 197 7.39 -7.83 14.30
C SER C 197 6.62 -6.57 14.71
N SER C 198 7.34 -5.63 15.30
CA SER C 198 6.72 -4.36 15.63
C SER C 198 7.04 -3.27 14.64
N TRP C 199 7.64 -3.66 13.50
CA TRP C 199 8.10 -2.72 12.49
C TRP C 199 7.23 -2.65 11.27
N THR C 200 6.69 -1.53 10.86
CA THR C 200 5.77 -1.44 9.72
C THR C 200 6.40 -1.82 8.37
N PRO C 201 5.96 -2.82 7.52
CA PRO C 201 6.49 -3.10 6.20
C PRO C 201 6.25 -1.94 5.26
N LEU C 202 7.21 -1.43 4.54
CA LEU C 202 6.93 -0.33 3.63
C LEU C 202 5.74 -0.49 2.67
N GLU C 203 5.55 -1.71 2.20
CA GLU C 203 4.45 -2.15 1.31
C GLU C 203 3.04 -1.87 1.91
N PHE C 204 2.85 -1.90 3.24
CA PHE C 204 1.64 -1.36 3.85
C PHE C 204 1.54 0.16 3.72
N LEU C 205 2.55 1.01 3.72
CA LEU C 205 2.28 2.43 3.59
C LEU C 205 2.05 2.83 2.16
N VAL C 206 2.74 2.17 1.21
CA VAL C 206 2.51 2.34 -0.25
C VAL C 206 1.03 2.00 -0.58
N GLU C 207 0.51 0.82 -0.23
CA GLU C 207 -0.91 0.47 -0.39
C GLU C 207 -1.82 1.51 0.28
N THR C 208 -1.61 1.93 1.53
CA THR C 208 -2.41 3.02 2.15
C THR C 208 -2.43 4.34 1.40
N PHE C 209 -1.27 4.76 0.95
CA PHE C 209 -1.16 5.95 0.14
C PHE C 209 -2.01 5.77 -1.09
N HIS C 210 -1.90 4.62 -1.69
CA HIS C 210 -2.78 4.27 -2.80
C HIS C 210 -4.30 4.37 -2.44
N ASP C 211 -4.87 3.73 -1.41
CA ASP C 211 -6.23 3.96 -1.01
C ASP C 211 -6.54 5.47 -0.94
N TRP C 212 -5.88 6.19 -0.03
CA TRP C 212 -6.11 7.63 0.19
C TRP C 212 -5.99 8.46 -1.08
N ILE C 213 -5.11 8.08 -2.02
CA ILE C 213 -5.05 8.81 -3.26
C ILE C 213 -6.19 8.37 -4.16
N THR C 214 -6.59 7.11 -4.29
CA THR C 214 -7.72 6.79 -5.17
C THR C 214 -9.09 6.91 -4.51
N GLY C 215 -9.22 7.95 -3.68
CA GLY C 215 -10.40 8.26 -2.87
C GLY C 215 -10.90 7.22 -1.87
N ASN C 216 -10.24 6.09 -1.65
CA ASN C 216 -10.81 5.01 -0.81
C ASN C 216 -10.36 4.99 0.67
N LYS C 217 -11.29 5.31 1.59
CA LYS C 217 -11.00 5.35 3.02
C LYS C 217 -10.00 6.40 3.46
N ARG C 218 -10.07 7.55 2.78
CA ARG C 218 -9.23 8.72 3.08
C ARG C 218 -9.70 9.32 4.40
N PRO C 219 -8.85 9.62 5.39
CA PRO C 219 -9.32 10.23 6.63
C PRO C 219 -9.59 11.72 6.51
N ASN C 220 -10.05 12.53 7.50
CA ASN C 220 -10.21 13.97 7.18
C ASN C 220 -8.99 14.91 7.19
N SER C 221 -9.07 16.06 6.51
CA SER C 221 -7.90 16.94 6.55
C SER C 221 -7.54 17.34 7.98
N GLY C 222 -6.26 17.45 8.26
CA GLY C 222 -5.75 17.71 9.60
C GLY C 222 -5.77 16.52 10.53
N SER C 223 -5.85 15.31 9.99
CA SER C 223 -5.75 14.10 10.78
C SER C 223 -4.35 13.63 11.11
N LEU C 224 -4.11 13.26 12.37
CA LEU C 224 -2.86 12.63 12.83
C LEU C 224 -3.01 11.10 12.90
N ILE C 225 -2.63 10.38 11.87
CA ILE C 225 -2.88 8.94 11.83
C ILE C 225 -1.73 8.23 12.45
N GLN C 226 -1.85 7.55 13.56
CA GLN C 226 -0.75 6.76 14.09
C GLN C 226 -0.58 5.47 13.32
N VAL C 227 0.61 5.07 12.87
CA VAL C 227 0.85 3.76 12.26
C VAL C 227 1.64 2.94 13.31
N VAL C 228 1.06 1.82 13.74
CA VAL C 228 1.59 0.98 14.80
C VAL C 228 1.48 -0.52 14.45
N THR C 229 2.57 -1.25 14.48
CA THR C 229 2.53 -2.65 14.13
C THR C 229 2.85 -3.55 15.29
N THR C 230 1.81 -4.30 15.64
CA THR C 230 1.94 -5.31 16.68
C THR C 230 1.94 -6.70 16.04
N ASP C 231 3.01 -7.47 16.26
CA ASP C 231 3.11 -8.85 15.77
C ASP C 231 3.00 -9.04 14.25
N GLY C 232 3.26 -7.98 13.49
CA GLY C 232 3.09 -8.06 12.05
C GLY C 232 1.78 -7.44 11.64
N LYS C 233 0.81 -7.20 12.54
CA LYS C 233 -0.41 -6.56 12.08
C LYS C 233 -0.35 -5.07 12.34
N THR C 234 -0.33 -4.35 11.24
CA THR C 234 -0.29 -2.91 11.33
C THR C 234 -1.61 -2.21 11.43
N GLU C 235 -1.78 -1.31 12.37
CA GLU C 235 -2.97 -0.51 12.47
C GLU C 235 -2.87 1.01 12.41
N LEU C 236 -3.82 1.62 11.73
CA LEU C 236 -3.97 3.05 11.67
C LEU C 236 -4.99 3.53 12.72
N THR C 237 -4.58 4.28 13.77
CA THR C 237 -5.51 4.87 14.77
C THR C 237 -5.48 6.39 14.81
N PRO C 238 -6.54 7.21 14.84
CA PRO C 238 -6.43 8.67 15.05
C PRO C 238 -5.88 9.20 16.37
N ALA C 239 -4.90 10.11 16.25
CA ALA C 239 -4.34 10.87 17.38
C ALA C 239 -5.01 12.20 17.52
N TYR C 240 -5.32 12.76 18.68
CA TYR C 240 -5.92 14.09 18.71
C TYR C 240 -5.00 15.25 19.21
N PHE C 241 -4.63 16.32 18.47
CA PHE C 241 -3.72 17.39 18.99
C PHE C 241 -4.44 18.43 19.88
N GLU D 6 15.00 33.73 46.97
CA GLU D 6 16.03 32.67 46.87
C GLU D 6 16.80 32.48 45.55
N ALA D 7 17.13 33.56 44.86
CA ALA D 7 17.84 33.45 43.59
C ALA D 7 18.54 34.75 43.14
N ARG D 8 19.81 34.87 42.75
CA ARG D 8 20.30 36.19 42.33
C ARG D 8 20.99 36.37 41.00
N ARG D 9 21.55 35.36 40.30
CA ARG D 9 22.03 35.54 38.90
C ARG D 9 20.98 35.09 37.88
N VAL D 10 20.69 35.80 36.77
CA VAL D 10 19.66 35.49 35.75
C VAL D 10 20.00 35.89 34.31
N LEU D 11 19.80 35.01 33.29
CA LEU D 11 20.02 35.41 31.88
C LEU D 11 18.67 35.73 31.30
N VAL D 12 18.48 36.77 30.52
CA VAL D 12 17.20 37.05 29.96
C VAL D 12 17.45 36.99 28.47
N TYR D 13 16.99 35.92 27.87
CA TYR D 13 17.22 35.76 26.43
C TYR D 13 16.20 36.63 25.74
N GLY D 14 16.56 37.36 24.72
CA GLY D 14 15.60 38.33 24.17
C GLY D 14 15.42 39.55 25.05
N GLY D 15 16.39 39.79 25.93
CA GLY D 15 16.36 40.81 26.98
C GLY D 15 16.25 42.30 26.66
N ARG D 16 16.24 42.64 25.39
CA ARG D 16 16.05 44.02 25.00
C ARG D 16 14.63 44.24 24.46
N GLY D 17 13.78 43.22 24.38
CA GLY D 17 12.44 43.38 23.81
C GLY D 17 11.35 43.61 24.86
N ALA D 18 10.09 43.98 24.49
CA ALA D 18 9.04 44.32 25.48
C ALA D 18 8.99 43.54 26.79
N LEU D 19 8.55 42.32 27.11
CA LEU D 19 8.77 41.68 28.45
C LEU D 19 10.26 41.42 28.84
N GLY D 20 11.15 41.25 27.89
CA GLY D 20 12.57 41.03 28.18
C GLY D 20 13.21 42.18 28.96
N SER D 21 12.93 43.41 28.50
CA SER D 21 13.39 44.67 29.12
C SER D 21 12.88 44.81 30.53
N ARG D 22 11.57 44.67 30.69
CA ARG D 22 10.99 44.67 32.01
C ARG D 22 11.58 43.57 32.93
N CYS D 23 11.94 42.36 32.54
CA CYS D 23 12.55 41.46 33.50
C CYS D 23 13.91 42.01 33.95
N VAL D 24 14.68 42.58 33.01
CA VAL D 24 15.94 43.23 33.39
C VAL D 24 15.71 44.35 34.42
N GLN D 25 14.91 45.36 34.09
CA GLN D 25 14.64 46.49 34.96
C GLN D 25 14.19 46.03 36.33
N ALA D 26 13.21 45.19 36.39
CA ALA D 26 12.78 44.74 37.69
C ALA D 26 13.74 43.86 38.49
N PHE D 27 14.37 42.84 37.93
CA PHE D 27 15.30 42.01 38.74
C PHE D 27 16.61 42.75 39.15
N ARG D 28 16.83 43.84 38.44
CA ARG D 28 17.87 44.78 38.75
C ARG D 28 17.41 45.69 39.90
N ALA D 29 16.15 46.16 39.91
CA ALA D 29 15.63 46.99 41.02
C ALA D 29 15.81 46.20 42.29
N ARG D 30 15.85 44.89 42.17
CA ARG D 30 16.11 43.97 43.27
C ARG D 30 17.56 43.66 43.61
N ASN D 31 18.45 44.26 42.81
CA ASN D 31 19.85 43.92 42.74
C ASN D 31 20.19 42.51 42.27
N TRP D 32 19.35 41.75 41.54
CA TRP D 32 19.85 40.49 41.01
C TRP D 32 20.90 40.74 39.90
N TRP D 33 21.89 39.91 39.65
CA TRP D 33 22.83 40.17 38.56
C TRP D 33 22.05 39.64 37.39
N VAL D 34 21.74 40.50 36.44
CA VAL D 34 21.02 40.13 35.25
C VAL D 34 21.82 40.30 33.98
N ALA D 35 21.99 39.26 33.17
CA ALA D 35 22.67 39.35 31.87
C ALA D 35 21.72 39.42 30.68
N SER D 36 21.78 40.26 29.67
CA SER D 36 20.79 40.26 28.62
C SER D 36 21.28 39.68 27.31
N ILE D 37 20.70 38.59 26.74
CA ILE D 37 21.12 38.11 25.39
C ILE D 37 20.15 38.60 24.32
N ASP D 38 20.62 39.27 23.27
CA ASP D 38 19.77 39.85 22.23
C ASP D 38 20.67 40.42 21.14
N VAL D 39 20.15 40.98 20.05
CA VAL D 39 20.94 41.44 18.88
C VAL D 39 21.46 42.89 18.86
N VAL D 40 21.28 43.44 20.06
CA VAL D 40 21.68 44.77 20.52
C VAL D 40 21.90 44.61 22.03
N GLU D 41 22.71 45.46 22.63
CA GLU D 41 22.97 45.36 24.06
C GLU D 41 21.88 46.04 24.87
N ASN D 42 21.52 45.58 26.04
CA ASN D 42 20.57 46.31 26.87
C ASN D 42 21.41 46.97 27.95
N GLU D 43 21.54 48.30 27.88
CA GLU D 43 22.39 48.97 28.85
C GLU D 43 21.87 48.88 30.27
N GLU D 44 20.62 48.53 30.59
CA GLU D 44 20.17 48.36 31.98
C GLU D 44 20.54 47.10 32.78
N ALA D 45 21.20 46.17 32.13
CA ALA D 45 21.55 44.91 32.73
C ALA D 45 23.03 44.74 33.02
N SER D 46 23.38 43.89 33.98
CA SER D 46 24.74 43.70 34.39
C SER D 46 25.78 43.23 33.40
N ALA D 47 25.39 42.97 32.17
CA ALA D 47 26.26 42.34 31.17
C ALA D 47 25.36 41.98 29.97
N SER D 48 25.73 42.32 28.77
CA SER D 48 25.01 42.07 27.57
C SER D 48 25.74 41.30 26.50
N VAL D 49 25.18 40.18 26.04
CA VAL D 49 25.76 39.33 24.96
C VAL D 49 25.14 39.79 23.65
N ILE D 50 25.76 40.09 22.55
CA ILE D 50 24.99 40.44 21.35
C ILE D 50 24.98 39.41 20.21
N VAL D 51 23.81 38.78 20.01
CA VAL D 51 23.65 37.71 19.04
C VAL D 51 23.94 38.14 17.61
N LYS D 52 24.85 37.39 17.00
CA LYS D 52 25.23 37.63 15.60
C LYS D 52 24.14 37.31 14.59
N MET D 53 23.77 38.27 13.76
CA MET D 53 22.77 38.00 12.72
C MET D 53 23.32 37.20 11.56
N THR D 54 23.01 35.92 11.62
CA THR D 54 23.44 34.94 10.64
C THR D 54 22.33 34.00 10.22
N ASP D 55 22.54 33.40 9.05
CA ASP D 55 21.73 32.28 8.53
C ASP D 55 22.09 30.91 9.07
N SER D 56 23.35 30.58 9.29
CA SER D 56 23.65 29.29 9.89
C SER D 56 23.25 29.06 11.35
N PHE D 57 22.37 28.13 11.71
CA PHE D 57 21.99 27.89 13.10
C PHE D 57 23.19 27.55 13.95
N THR D 58 24.05 26.69 13.43
CA THR D 58 25.25 26.30 14.17
C THR D 58 26.21 27.48 14.35
N GLU D 59 26.46 28.39 13.39
CA GLU D 59 27.24 29.63 13.56
C GLU D 59 26.77 30.51 14.71
N GLN D 60 25.48 30.89 14.69
CA GLN D 60 24.88 31.66 15.78
C GLN D 60 24.81 30.92 17.11
N ALA D 61 24.62 29.60 17.02
CA ALA D 61 24.43 28.85 18.24
C ALA D 61 25.70 28.59 18.95
N ASP D 62 26.79 28.46 18.17
CA ASP D 62 28.12 28.24 18.73
C ASP D 62 28.65 29.57 19.21
N GLN D 63 28.51 30.68 18.46
CA GLN D 63 28.79 32.00 19.00
C GLN D 63 28.00 32.33 20.27
N VAL D 64 26.65 32.35 20.38
CA VAL D 64 25.97 32.65 21.64
C VAL D 64 26.32 31.71 22.77
N THR D 65 26.49 30.44 22.50
CA THR D 65 26.94 29.58 23.59
C THR D 65 28.36 29.96 24.11
N ALA D 66 29.34 30.35 23.29
CA ALA D 66 30.70 30.55 23.80
C ALA D 66 30.85 31.93 24.50
N GLU D 67 30.17 32.97 24.00
CA GLU D 67 30.07 34.20 24.75
C GLU D 67 29.39 33.92 26.09
N VAL D 68 28.15 33.47 26.30
CA VAL D 68 27.61 33.22 27.66
C VAL D 68 28.47 32.35 28.62
N GLY D 69 29.20 31.47 27.94
CA GLY D 69 30.14 30.54 28.55
C GLY D 69 31.31 31.32 29.08
N LYS D 70 31.95 32.18 28.28
CA LYS D 70 33.04 33.02 28.76
C LYS D 70 32.57 33.91 29.91
N LEU D 71 31.44 34.62 29.74
CA LEU D 71 30.93 35.54 30.76
C LEU D 71 30.70 34.97 32.15
N LEU D 72 30.27 33.72 32.23
CA LEU D 72 29.95 33.13 33.51
C LEU D 72 31.04 32.32 34.19
N GLY D 73 31.88 31.72 33.34
CA GLY D 73 32.87 30.75 33.76
C GLY D 73 32.27 29.68 34.67
N ASP D 74 32.81 29.58 35.87
CA ASP D 74 32.36 28.67 36.92
C ASP D 74 31.02 29.07 37.53
N GLN D 75 30.38 30.15 37.08
CA GLN D 75 29.12 30.56 37.70
C GLN D 75 27.83 29.94 37.21
N LYS D 76 27.12 29.17 38.04
CA LYS D 76 25.81 28.67 37.62
C LYS D 76 24.78 29.80 37.71
N VAL D 77 23.89 30.05 36.76
CA VAL D 77 22.82 31.05 36.90
C VAL D 77 21.57 30.53 37.66
N ASP D 78 20.57 31.34 38.02
CA ASP D 78 19.39 30.85 38.76
C ASP D 78 18.11 30.65 37.96
N ALA D 79 18.03 31.34 36.85
CA ALA D 79 16.87 31.22 36.02
C ALA D 79 17.13 31.79 34.64
N ILE D 80 16.91 31.04 33.54
CA ILE D 80 17.10 31.62 32.21
C ILE D 80 15.69 31.99 31.78
N LEU D 81 15.28 33.23 31.58
CA LEU D 81 13.92 33.49 31.13
C LEU D 81 14.05 33.62 29.63
N CYS D 82 13.79 32.60 28.82
CA CYS D 82 13.85 32.79 27.37
C CYS D 82 12.60 33.47 26.87
N VAL D 83 12.61 34.77 26.72
CA VAL D 83 11.39 35.47 26.30
C VAL D 83 11.58 36.09 24.92
N ALA D 84 12.50 35.53 24.15
CA ALA D 84 12.69 36.06 22.81
C ALA D 84 11.65 35.60 21.79
N GLY D 85 11.49 36.38 20.75
CA GLY D 85 10.47 36.02 19.82
C GLY D 85 10.02 37.20 19.03
N GLY D 86 8.76 37.10 18.61
CA GLY D 86 8.14 38.04 17.68
C GLY D 86 6.86 37.48 17.07
N TRP D 87 6.44 37.97 15.91
CA TRP D 87 5.17 37.59 15.25
C TRP D 87 5.18 37.94 13.78
N ALA D 88 4.76 37.04 12.92
CA ALA D 88 4.49 37.43 11.54
C ALA D 88 3.34 36.59 10.98
N GLY D 89 2.59 37.15 10.05
CA GLY D 89 1.38 36.54 9.56
C GLY D 89 1.53 35.85 8.24
N GLY D 90 0.41 35.41 7.67
CA GLY D 90 0.47 34.72 6.40
C GLY D 90 0.07 33.25 6.48
N ASN D 91 -0.89 32.88 5.64
CA ASN D 91 -1.29 31.48 5.54
C ASN D 91 -0.49 30.74 4.48
N ALA D 92 -0.64 29.41 4.32
CA ALA D 92 0.19 28.62 3.38
C ALA D 92 0.32 28.97 1.89
N LYS D 93 -0.64 29.72 1.37
CA LYS D 93 -0.61 30.16 -0.02
C LYS D 93 0.14 31.47 -0.26
N SER D 94 0.34 32.22 0.82
CA SER D 94 1.05 33.50 0.82
C SER D 94 2.35 33.65 0.03
N LYS D 95 2.73 34.91 -0.10
CA LYS D 95 3.91 35.34 -0.85
C LYS D 95 5.10 35.39 0.12
N SER D 96 4.85 36.07 1.21
CA SER D 96 5.73 36.17 2.37
C SER D 96 5.87 34.92 3.26
N LEU D 97 5.26 33.78 2.90
CA LEU D 97 5.26 32.58 3.73
C LEU D 97 6.66 32.12 4.16
N PHE D 98 7.53 32.04 3.14
CA PHE D 98 8.86 31.58 3.43
C PHE D 98 9.63 32.60 4.25
N LYS D 99 9.54 33.92 3.98
CA LYS D 99 10.33 34.93 4.69
C LYS D 99 9.96 34.89 6.15
N ASN D 100 8.65 34.92 6.40
CA ASN D 100 8.17 34.90 7.78
C ASN D 100 8.37 33.59 8.47
N CYS D 101 8.23 32.46 7.79
CA CYS D 101 8.59 31.17 8.41
C CYS D 101 10.04 31.18 8.91
N ASP D 102 10.94 31.65 8.06
CA ASP D 102 12.32 31.80 8.39
C ASP D 102 12.60 32.72 9.55
N LEU D 103 11.97 33.88 9.51
CA LEU D 103 12.03 34.85 10.60
C LEU D 103 11.56 34.24 11.92
N MET D 104 10.38 33.59 11.93
CA MET D 104 9.73 32.95 13.09
C MET D 104 10.53 31.73 13.62
N TRP D 105 11.15 30.95 12.73
CA TRP D 105 12.06 29.90 13.18
C TRP D 105 13.27 30.58 13.85
N LYS D 106 14.00 31.46 13.17
CA LYS D 106 15.04 32.25 13.80
C LYS D 106 14.73 32.89 15.16
N GLN D 107 13.57 33.51 15.30
CA GLN D 107 13.20 34.15 16.55
C GLN D 107 12.75 33.30 17.67
N SER D 108 11.97 32.27 17.37
CA SER D 108 11.37 31.45 18.41
C SER D 108 11.90 30.05 18.36
N ILE D 109 12.17 29.36 17.24
CA ILE D 109 12.82 28.05 17.38
C ILE D 109 14.31 28.14 17.70
N TRP D 110 15.15 28.88 16.94
CA TRP D 110 16.56 28.93 17.33
C TRP D 110 16.80 29.42 18.74
N THR D 111 16.39 30.64 19.10
CA THR D 111 16.53 31.16 20.47
C THR D 111 16.17 30.23 21.58
N SER D 112 15.06 29.46 21.47
CA SER D 112 14.63 28.49 22.51
C SER D 112 15.48 27.25 22.62
N THR D 113 16.04 26.76 21.50
CA THR D 113 16.96 25.60 21.53
C THR D 113 18.32 25.96 22.17
N ILE D 114 18.95 27.09 21.81
CA ILE D 114 20.13 27.62 22.52
C ILE D 114 19.77 27.90 24.02
N SER D 115 18.72 28.62 24.48
CA SER D 115 18.38 28.65 25.92
C SER D 115 18.47 27.31 26.63
N SER D 116 17.78 26.27 26.12
CA SER D 116 17.82 24.88 26.61
C SER D 116 19.22 24.34 26.68
N HIS D 117 20.09 24.55 25.68
CA HIS D 117 21.46 24.03 25.86
C HIS D 117 22.21 24.71 27.02
N LEU D 118 22.01 26.04 27.17
CA LEU D 118 22.55 26.87 28.26
C LEU D 118 22.02 26.50 29.62
N ALA D 119 20.76 26.20 29.83
CA ALA D 119 20.26 25.71 31.10
C ALA D 119 20.96 24.42 31.51
N THR D 120 21.22 23.46 30.60
CA THR D 120 21.88 22.24 31.02
C THR D 120 23.29 22.52 31.49
N LYS D 121 24.07 23.36 30.78
CA LYS D 121 25.39 23.82 31.18
C LYS D 121 25.51 24.77 32.38
N HIS D 122 24.59 25.70 32.54
CA HIS D 122 24.70 26.74 33.56
C HIS D 122 23.65 26.82 34.65
N LEU D 123 22.47 26.27 34.44
CA LEU D 123 21.45 26.45 35.43
C LEU D 123 21.78 25.68 36.67
N LYS D 124 21.62 26.35 37.80
CA LYS D 124 21.70 25.72 39.11
C LYS D 124 20.66 24.60 39.33
N GLU D 125 21.01 23.65 40.21
CA GLU D 125 20.05 22.63 40.63
C GLU D 125 18.93 23.28 41.40
N GLY D 126 17.71 22.97 41.01
CA GLY D 126 16.56 23.65 41.57
C GLY D 126 16.20 24.93 40.79
N GLY D 127 16.97 25.33 39.75
CA GLY D 127 16.74 26.57 38.99
C GLY D 127 15.59 26.54 37.99
N LEU D 128 15.38 27.55 37.16
CA LEU D 128 14.21 27.60 36.35
C LEU D 128 14.59 28.09 35.00
N LEU D 129 13.94 27.54 33.96
CA LEU D 129 14.13 27.91 32.55
C LEU D 129 12.74 28.22 32.07
N THR D 130 12.47 29.39 31.50
CA THR D 130 11.10 29.64 31.06
C THR D 130 11.11 29.91 29.56
N LEU D 131 10.20 29.26 28.87
CA LEU D 131 10.16 29.31 27.43
C LEU D 131 8.93 30.02 26.91
N ALA D 132 9.03 30.87 25.90
CA ALA D 132 7.83 31.52 25.40
C ALA D 132 7.01 30.77 24.34
N GLY D 133 5.95 30.17 24.91
CA GLY D 133 4.93 29.50 24.14
C GLY D 133 3.79 30.41 23.66
N ALA D 134 2.59 29.87 23.38
CA ALA D 134 1.39 30.56 22.83
C ALA D 134 0.04 29.77 22.80
N LYS D 135 -1.06 30.29 23.40
CA LYS D 135 -2.40 29.66 23.38
C LYS D 135 -2.72 29.38 21.96
N ALA D 136 -2.77 30.40 21.08
CA ALA D 136 -3.08 30.22 19.65
C ALA D 136 -2.64 28.94 18.94
N ALA D 137 -1.46 28.44 19.31
CA ALA D 137 -0.84 27.28 18.69
C ALA D 137 -1.12 25.92 19.37
N LEU D 138 -1.98 25.88 20.37
CA LEU D 138 -2.46 24.61 20.94
C LEU D 138 -3.36 23.85 19.95
N ASP D 139 -3.82 24.57 18.93
CA ASP D 139 -4.64 24.09 17.85
C ASP D 139 -4.02 24.64 16.57
N GLY D 140 -4.75 24.55 15.47
CA GLY D 140 -4.23 25.07 14.22
C GLY D 140 -4.22 26.59 14.09
N THR D 141 -3.22 27.08 13.37
CA THR D 141 -3.13 28.49 13.17
C THR D 141 -3.19 28.82 11.66
N PRO D 142 -4.29 28.58 10.87
CA PRO D 142 -4.27 28.66 9.38
C PRO D 142 -3.75 29.96 8.80
N GLY D 143 -4.21 31.10 9.20
CA GLY D 143 -3.67 32.40 8.82
C GLY D 143 -2.25 32.68 9.26
N MET D 144 -1.68 32.01 10.26
CA MET D 144 -0.26 32.23 10.60
C MET D 144 0.56 30.92 10.69
N ILE D 145 0.94 30.34 9.51
CA ILE D 145 1.63 29.03 9.41
C ILE D 145 2.99 29.03 10.09
N GLY D 146 3.93 29.95 9.72
CA GLY D 146 5.23 30.07 10.37
C GLY D 146 5.18 30.20 11.91
N TYR D 147 4.26 30.99 12.46
CA TYR D 147 4.15 31.36 13.88
C TYR D 147 3.68 30.17 14.71
N GLY D 148 2.59 29.53 14.30
CA GLY D 148 2.20 28.30 14.98
C GLY D 148 3.20 27.15 14.79
N MET D 149 3.89 26.93 13.66
CA MET D 149 4.94 25.91 13.61
C MET D 149 5.99 26.10 14.67
N ALA D 150 6.56 27.31 14.68
CA ALA D 150 7.57 27.75 15.68
C ALA D 150 7.18 27.64 17.16
N LYS D 151 6.01 28.13 17.49
CA LYS D 151 5.54 28.03 18.88
C LYS D 151 5.07 26.63 19.28
N GLY D 152 4.65 25.86 18.26
CA GLY D 152 4.26 24.45 18.37
C GLY D 152 5.49 23.60 18.61
N ALA D 153 6.62 24.02 18.01
CA ALA D 153 7.94 23.42 18.21
C ALA D 153 8.38 23.63 19.63
N VAL D 154 8.30 24.83 20.21
CA VAL D 154 8.58 25.20 21.63
C VAL D 154 7.72 24.48 22.74
N HIS D 155 6.42 24.23 22.47
CA HIS D 155 5.60 23.40 23.34
C HIS D 155 6.09 21.98 23.39
N GLN D 156 6.50 21.38 22.29
CA GLN D 156 7.04 20.03 22.34
C GLN D 156 8.35 20.04 23.13
N LEU D 157 9.30 20.93 22.76
CA LEU D 157 10.57 21.05 23.47
C LEU D 157 10.38 21.03 24.98
N CYS D 158 9.33 21.72 25.45
CA CYS D 158 9.10 21.83 26.87
C CYS D 158 8.65 20.50 27.50
N GLN D 159 8.04 19.55 26.76
CA GLN D 159 7.79 18.26 27.40
C GLN D 159 9.09 17.51 27.35
N SER D 160 9.87 17.62 26.24
CA SER D 160 11.13 16.88 26.16
C SER D 160 12.06 17.26 27.29
N LEU D 161 12.27 18.55 27.58
CA LEU D 161 13.07 19.00 28.72
C LEU D 161 12.49 18.55 30.04
N ALA D 162 11.19 18.34 30.22
CA ALA D 162 10.65 17.81 31.48
C ALA D 162 10.82 16.34 31.70
N GLY D 163 11.32 15.71 30.67
CA GLY D 163 11.60 14.30 30.69
C GLY D 163 13.03 13.91 31.06
N LYS D 164 12.99 12.72 31.62
CA LYS D 164 14.10 11.88 32.04
C LYS D 164 15.37 11.96 31.20
N ASN D 165 16.46 12.51 31.72
CA ASN D 165 17.72 12.63 31.00
C ASN D 165 17.77 13.53 29.76
N SER D 166 16.90 14.52 29.77
CA SER D 166 17.05 15.61 28.83
C SER D 166 18.41 16.32 28.97
N GLY D 167 19.00 16.23 30.15
CA GLY D 167 20.21 16.96 30.52
C GLY D 167 19.96 18.17 31.50
N MET D 168 18.69 18.39 31.94
CA MET D 168 18.36 19.45 32.90
C MET D 168 18.92 19.17 34.27
N PRO D 169 19.68 20.08 34.92
CA PRO D 169 20.09 19.94 36.31
C PRO D 169 18.95 19.54 37.24
N SER D 170 19.23 18.56 38.10
CA SER D 170 18.30 18.00 39.08
C SER D 170 17.42 19.02 39.76
N GLY D 171 16.17 18.74 40.12
CA GLY D 171 15.35 19.81 40.71
C GLY D 171 15.00 20.95 39.75
N ALA D 172 15.79 21.33 38.72
CA ALA D 172 15.39 22.41 37.81
C ALA D 172 14.07 22.25 37.06
N ALA D 173 13.55 23.28 36.41
CA ALA D 173 12.29 23.20 35.69
C ALA D 173 12.30 23.98 34.39
N ALA D 174 11.47 23.52 33.47
CA ALA D 174 11.31 24.19 32.21
C ALA D 174 9.82 24.29 32.17
N ILE D 175 9.28 25.48 32.00
CA ILE D 175 7.84 25.75 32.05
C ILE D 175 7.57 26.60 30.85
N ALA D 176 6.64 26.29 29.97
CA ALA D 176 6.40 27.23 28.90
C ALA D 176 5.26 28.10 29.40
N VAL D 177 5.31 29.40 29.12
CA VAL D 177 4.26 30.38 29.38
C VAL D 177 3.54 30.54 28.08
N LEU D 178 2.21 30.58 28.06
CA LEU D 178 1.46 30.74 26.83
C LEU D 178 0.41 31.86 26.82
N PRO D 179 0.70 33.13 26.45
CA PRO D 179 -0.26 34.21 26.35
C PRO D 179 -1.21 34.06 25.15
N VAL D 180 -2.12 35.01 25.21
CA VAL D 180 -3.03 35.31 24.13
C VAL D 180 -2.56 36.68 23.67
N THR D 181 -2.75 37.76 24.43
CA THR D 181 -2.06 38.99 24.10
C THR D 181 -1.50 39.70 25.31
N LEU D 182 -0.22 40.04 25.14
CA LEU D 182 0.43 40.87 26.14
C LEU D 182 0.18 42.33 25.75
N ASP D 183 0.04 43.16 26.76
CA ASP D 183 -0.16 44.61 26.65
C ASP D 183 1.21 45.26 26.51
N THR D 184 1.55 45.54 25.25
CA THR D 184 2.84 46.16 24.92
C THR D 184 2.60 47.47 24.17
N PRO D 185 3.50 48.46 24.22
CA PRO D 185 3.40 49.71 23.52
C PRO D 185 3.14 49.53 22.05
N MET D 186 4.02 48.84 21.35
CA MET D 186 3.81 48.56 19.94
C MET D 186 2.53 47.76 19.72
N ASN D 187 2.05 46.92 20.67
CA ASN D 187 0.73 46.29 20.46
C ASN D 187 -0.37 47.35 20.40
N ARG D 188 -0.29 48.35 21.27
CA ARG D 188 -1.15 49.54 21.26
C ARG D 188 -1.03 50.30 19.91
N LYS D 189 0.16 50.48 19.37
CA LYS D 189 0.22 51.04 18.02
C LYS D 189 -0.31 50.12 16.93
N SER D 190 -0.09 48.82 16.95
CA SER D 190 -0.60 48.03 15.86
C SER D 190 -2.07 47.69 16.04
N MET D 191 -2.58 47.80 17.25
CA MET D 191 -3.98 47.47 17.51
C MET D 191 -4.84 48.50 18.22
N PRO D 192 -5.01 49.74 17.71
CA PRO D 192 -5.35 50.95 18.52
C PRO D 192 -6.73 50.99 19.20
N GLU D 193 -7.61 50.10 18.74
CA GLU D 193 -9.02 50.00 19.15
C GLU D 193 -9.44 48.76 19.98
N ALA D 194 -8.50 47.84 20.14
CA ALA D 194 -8.79 46.63 20.86
C ALA D 194 -9.13 46.82 22.35
N ASP D 195 -9.95 45.93 22.93
CA ASP D 195 -10.23 45.95 24.36
C ASP D 195 -9.00 45.53 25.17
N PHE D 196 -8.09 46.47 25.48
CA PHE D 196 -6.87 46.19 26.26
C PHE D 196 -7.09 45.64 27.68
N SER D 197 -8.34 45.61 28.17
CA SER D 197 -8.65 45.02 29.47
C SER D 197 -8.38 43.53 29.61
N SER D 198 -8.18 42.95 28.39
CA SER D 198 -7.79 41.56 28.13
C SER D 198 -6.29 41.32 27.86
N TRP D 199 -5.59 42.37 27.52
CA TRP D 199 -4.19 42.28 27.20
C TRP D 199 -3.51 42.13 28.54
N THR D 200 -2.84 41.04 28.72
CA THR D 200 -2.12 40.75 29.96
C THR D 200 -1.06 41.83 30.20
N PRO D 201 -0.76 42.31 31.39
CA PRO D 201 0.28 43.32 31.56
C PRO D 201 1.63 42.70 31.90
N LEU D 202 2.68 43.00 31.10
CA LEU D 202 4.04 42.49 31.30
C LEU D 202 4.39 42.20 32.76
N GLU D 203 3.99 43.19 33.53
CA GLU D 203 4.06 43.20 34.98
C GLU D 203 3.63 41.90 35.65
N PHE D 204 2.43 41.40 35.36
CA PHE D 204 1.93 40.16 35.91
C PHE D 204 2.85 38.96 35.61
N LEU D 205 3.56 38.97 34.48
CA LEU D 205 4.56 37.93 34.21
C LEU D 205 5.91 38.19 34.92
N VAL D 206 6.35 39.42 35.19
CA VAL D 206 7.54 39.66 36.01
C VAL D 206 7.29 39.26 37.48
N GLU D 207 6.13 39.63 38.02
CA GLU D 207 5.58 39.21 39.31
C GLU D 207 5.55 37.68 39.48
N THR D 208 4.98 37.02 38.46
CA THR D 208 4.93 35.54 38.33
C THR D 208 6.31 34.89 38.15
N PHE D 209 7.16 35.32 37.20
CA PHE D 209 8.52 34.80 37.02
C PHE D 209 9.28 34.89 38.32
N HIS D 210 9.21 36.07 38.93
CA HIS D 210 9.78 36.24 40.26
C HIS D 210 9.25 35.19 41.27
N ASP D 211 7.96 34.89 41.39
CA ASP D 211 7.48 33.86 42.33
C ASP D 211 8.06 32.49 42.00
N TRP D 212 7.91 32.03 40.75
CA TRP D 212 8.49 30.77 40.26
C TRP D 212 9.98 30.72 40.50
N ILE D 213 10.71 31.82 40.23
CA ILE D 213 12.16 31.89 40.39
C ILE D 213 12.43 31.73 41.85
N THR D 214 11.70 32.40 42.72
CA THR D 214 11.92 32.15 44.14
C THR D 214 11.05 31.02 44.73
N GLY D 215 11.03 29.86 44.04
CA GLY D 215 10.27 28.66 44.45
C GLY D 215 8.80 28.84 44.87
N ASN D 216 8.21 30.05 44.79
CA ASN D 216 6.85 30.26 45.25
C ASN D 216 5.74 29.90 44.26
N LYS D 217 5.08 28.77 44.55
CA LYS D 217 4.01 28.17 43.75
C LYS D 217 4.59 27.85 42.38
N ARG D 218 5.62 27.01 42.25
CA ARG D 218 6.16 26.73 40.92
C ARG D 218 5.46 25.53 40.29
N PRO D 219 4.84 25.68 39.10
CA PRO D 219 4.46 24.60 38.21
C PRO D 219 5.39 23.38 38.10
N ASN D 220 4.96 22.16 37.75
CA ASN D 220 5.94 21.11 37.58
C ASN D 220 6.70 21.41 36.29
N SER D 221 7.89 20.84 36.09
CA SER D 221 8.58 20.93 34.80
C SER D 221 7.83 20.38 33.58
N GLY D 222 8.00 20.90 32.38
CA GLY D 222 7.15 20.53 31.26
C GLY D 222 5.73 21.05 31.34
N SER D 223 5.35 21.81 32.38
CA SER D 223 4.04 22.43 32.38
C SER D 223 3.88 23.51 31.31
N LEU D 224 2.69 23.62 30.73
CA LEU D 224 2.35 24.62 29.76
C LEU D 224 1.27 25.52 30.36
N ILE D 225 1.63 26.70 30.89
CA ILE D 225 0.76 27.63 31.61
C ILE D 225 0.00 28.59 30.72
N GLN D 226 -1.32 28.51 30.56
CA GLN D 226 -1.98 29.53 29.75
C GLN D 226 -2.27 30.73 30.62
N VAL D 227 -1.98 31.85 29.97
CA VAL D 227 -2.16 33.14 30.61
C VAL D 227 -3.18 33.98 29.86
N VAL D 228 -4.28 33.94 30.59
CA VAL D 228 -5.52 34.63 30.27
C VAL D 228 -6.10 35.49 31.38
N THR D 229 -6.11 36.74 30.93
CA THR D 229 -6.60 37.90 31.65
C THR D 229 -8.04 38.27 31.31
N THR D 230 -9.00 38.03 32.19
CA THR D 230 -10.28 38.65 31.90
C THR D 230 -10.63 39.79 32.83
N ASP D 231 -10.67 40.89 32.06
CA ASP D 231 -11.07 42.20 32.55
C ASP D 231 -10.50 42.59 33.94
N GLY D 232 -9.16 42.66 33.99
CA GLY D 232 -8.52 43.03 35.26
C GLY D 232 -8.03 41.92 36.20
N LYS D 233 -8.39 40.65 36.01
CA LYS D 233 -7.68 39.60 36.75
C LYS D 233 -6.99 38.69 35.73
N THR D 234 -5.83 38.12 36.06
CA THR D 234 -5.19 37.26 35.11
C THR D 234 -4.87 35.92 35.66
N GLU D 235 -5.55 34.97 35.07
CA GLU D 235 -5.36 33.60 35.43
C GLU D 235 -4.49 32.71 34.55
N LEU D 236 -3.66 32.06 35.37
CA LEU D 236 -2.77 31.01 34.98
C LEU D 236 -3.50 29.66 35.14
N THR D 237 -3.71 28.97 34.03
CA THR D 237 -4.35 27.67 33.99
C THR D 237 -3.56 26.75 33.12
N PRO D 238 -3.16 25.57 33.61
CA PRO D 238 -2.58 24.48 32.84
C PRO D 238 -3.18 24.13 31.48
N ALA D 239 -2.39 24.04 30.43
CA ALA D 239 -2.85 23.47 29.18
C ALA D 239 -2.23 22.06 29.11
N TYR D 240 -2.73 21.09 28.33
CA TYR D 240 -2.05 19.77 28.25
C TYR D 240 -1.76 19.23 26.83
N PHE D 241 -0.61 18.56 26.61
CA PHE D 241 -0.19 17.94 25.31
C PHE D 241 -0.79 16.63 24.83
PA NAD E . -27.64 -23.42 -16.08
O1A NAD E . -27.04 -23.91 -14.82
O2A NAD E . -29.05 -23.01 -15.79
O5B NAD E . -27.65 -24.70 -17.15
C5B NAD E . -26.43 -25.49 -17.12
C4B NAD E . -26.69 -26.98 -16.82
O4B NAD E . -25.42 -27.67 -16.87
C3B NAD E . -27.21 -27.21 -15.41
O3B NAD E . -28.56 -27.67 -15.52
C2B NAD E . -26.31 -28.30 -14.80
O2B NAD E . -27.10 -29.38 -14.28
C1B NAD E . -25.44 -28.78 -15.95
N9A NAD E . -24.10 -29.04 -15.62
C8A NAD E . -23.57 -28.73 -14.37
N7A NAD E . -22.53 -29.68 -14.12
C5A NAD E . -22.56 -30.52 -15.18
C6A NAD E . -21.77 -31.59 -15.37
N6A NAD E . -20.77 -31.93 -14.47
N1A NAD E . -21.99 -32.37 -16.49
C2A NAD E . -22.97 -31.98 -17.41
N3A NAD E . -23.75 -30.85 -17.19
C4A NAD E . -23.49 -30.18 -16.04
O3 NAD E . -26.70 -22.17 -16.64
PN NAD E . -27.35 -20.98 -17.60
O1N NAD E . -27.86 -19.92 -16.71
O2N NAD E . -28.45 -21.49 -18.45
O5D NAD E . -26.21 -20.30 -18.54
C5D NAD E . -25.41 -21.08 -19.44
C4D NAD E . -23.94 -20.65 -19.37
O4D NAD E . -23.76 -19.18 -19.32
C3D NAD E . -23.27 -21.24 -18.14
O3D NAD E . -21.95 -21.62 -18.54
C2D NAD E . -23.27 -20.01 -17.21
O2D NAD E . -22.31 -20.07 -16.16
C1D NAD E . -23.01 -18.83 -18.13
N1N NAD E . -23.49 -17.66 -17.55
C2N NAD E . -24.77 -17.61 -17.03
C3N NAD E . -25.22 -16.40 -16.54
C7N NAD E . -26.41 -16.31 -15.84
O7N NAD E . -27.15 -17.45 -15.54
N7N NAD E . -26.87 -15.10 -15.40
C4N NAD E . -24.41 -15.28 -16.65
C5N NAD E . -23.15 -15.37 -17.17
C6N NAD E . -22.68 -16.58 -17.61
HO3A NAD E . -29.09 -27.25 -14.84
HO2A NAD E . -27.35 -29.95 -15.01
H61A NAD E . -20.64 -31.38 -13.63
H62A NAD E . -20.21 -32.76 -14.61
HO3N NAD E . -21.52 -22.01 -17.79
HO2N NAD E . -22.57 -19.50 -15.45
H71N NAD E . -26.36 -14.24 -15.64
H72N NAD E . -27.57 -15.07 -14.71
PA NAD F . 7.61 -29.69 -10.63
O1A NAD F . 6.88 -30.63 -11.54
O2A NAD F . 9.05 -30.09 -10.59
O5B NAD F . 7.07 -29.80 -9.09
C5B NAD F . 5.88 -30.59 -8.89
C4B NAD F . 5.49 -30.60 -7.42
O4B NAD F . 4.03 -30.70 -7.24
C3B NAD F . 6.11 -31.87 -6.85
O3B NAD F . 6.79 -31.52 -5.64
C2B NAD F . 4.93 -32.77 -6.60
O2B NAD F . 5.14 -33.75 -5.55
C1B NAD F . 3.82 -31.76 -6.27
N9A NAD F . 2.58 -32.41 -6.25
C8A NAD F . 1.92 -32.68 -7.46
N7A NAD F . 0.52 -32.43 -7.27
C5A NAD F . 0.45 -31.98 -5.98
C6A NAD F . -0.67 -31.61 -5.33
N6A NAD F . -1.91 -31.69 -5.94
N1A NAD F . -0.58 -31.13 -4.02
C2A NAD F . 0.69 -31.12 -3.41
N3A NAD F . 1.84 -31.52 -4.11
C4A NAD F . 1.63 -31.94 -5.40
O3 NAD F . 7.51 -28.14 -11.25
PN NAD F . 8.91 -27.22 -11.23
O1N NAD F . 10.00 -27.89 -12.03
O2N NAD F . 9.37 -27.11 -9.81
O5D NAD F . 8.60 -25.72 -11.86
C5D NAD F . 7.96 -24.72 -11.04
C4D NAD F . 6.58 -24.31 -11.60
O4D NAD F . 6.69 -23.43 -12.75
C3D NAD F . 5.76 -25.52 -12.02
O3D NAD F . 4.40 -25.35 -11.64
C2D NAD F . 5.88 -25.56 -13.54
O2D NAD F . 4.68 -26.09 -14.16
C1D NAD F . 6.18 -24.10 -13.95
N1N NAD F . 7.18 -24.01 -14.95
C2N NAD F . 8.21 -24.92 -14.81
C3N NAD F . 8.82 -25.50 -15.92
C7N NAD F . 9.80 -26.49 -15.74
O7N NAD F . 10.00 -27.10 -14.51
N7N NAD F . 10.61 -26.87 -16.79
C4N NAD F . 8.37 -25.12 -17.18
C5N NAD F . 7.32 -24.23 -17.30
C6N NAD F . 6.70 -23.68 -16.18
HO3A NAD F . 6.85 -30.57 -5.55
HO2A NAD F . 5.88 -34.32 -5.78
H61A NAD F . -1.98 -32.06 -6.88
H62A NAD F . -2.75 -31.41 -5.46
HO3N NAD F . 3.85 -25.28 -12.42
HO2N NAD F . 4.87 -26.94 -14.56
H71N NAD F . 10.52 -26.42 -17.69
H72N NAD F . 11.31 -27.59 -16.64
PA NAD G . 14.40 8.75 4.96
O1A NAD G . 15.37 9.45 5.86
O2A NAD G . 14.95 7.40 4.67
O5B NAD G . 14.25 9.60 3.57
C5B NAD G . 14.22 11.05 3.51
C4B NAD G . 14.57 11.45 2.06
O4B NAD G . 14.21 12.81 1.76
C3B NAD G . 16.07 11.33 1.81
O3B NAD G . 16.24 10.85 0.46
C2B NAD G . 16.57 12.78 1.98
O2B NAD G . 17.74 13.02 1.18
C1B NAD G . 15.40 13.60 1.48
N9A NAD G . 15.19 14.80 2.16
C8A NAD G . 15.87 15.14 3.35
N7A NAD G . 16.02 16.52 3.32
C5A NAD G . 15.51 16.92 2.13
C6A NAD G . 15.44 18.18 1.66
N6A NAD G . 15.88 19.25 2.41
N1A NAD G . 14.87 18.40 0.42
C2A NAD G . 14.37 17.29 -0.28
N3A NAD G . 14.44 16.00 0.24
C4A NAD G . 15.04 15.91 1.45
O3 NAD G . 12.91 8.61 5.71
PN NAD G . 12.07 7.19 5.68
O1N NAD G . 12.84 6.12 6.34
O2N NAD G . 11.74 6.83 4.29
O5D NAD G . 10.69 7.40 6.48
C5D NAD G . 9.84 8.34 5.82
C4D NAD G . 9.33 9.38 6.83
O4D NAD G . 8.72 8.74 7.97
C3D NAD G . 10.52 10.19 7.30
O3D NAD G . 10.23 11.58 7.17
C2D NAD G . 10.70 9.79 8.75
O2D NAD G . 11.01 10.95 9.52
C1D NAD G . 9.36 9.18 9.16
N1N NAD G . 9.56 8.05 9.97
C2N NAD G . 10.49 7.10 9.58
C3N NAD G . 10.80 6.06 10.46
C7N NAD G . 11.65 5.01 10.05
O7N NAD G . 12.32 5.05 8.83
N7N NAD G . 11.82 3.90 10.85
C4N NAD G . 10.20 6.06 11.72
C5N NAD G . 9.29 7.03 12.07
C6N NAD G . 8.97 8.05 11.18
HO3A NAD G . 17.15 10.59 0.32
HO2A NAD G . 17.73 12.45 0.42
H61A NAD G . 16.26 19.09 3.34
H62A NAD G . 15.81 20.19 2.05
HO3N NAD G . 9.30 11.72 7.37
HO2N NAD G . 11.83 10.80 10.01
H71N NAD G . 11.31 3.81 11.72
H72N NAD G . 12.44 3.16 10.56
PA NAD H . 9.22 41.17 21.57
O1A NAD H . 9.18 41.14 20.08
O2A NAD H . 8.76 42.50 22.02
O5B NAD H . 10.72 40.93 22.12
C5B NAD H . 11.37 39.71 21.76
C4B NAD H . 12.90 39.88 21.82
O4B NAD H . 13.53 38.67 21.43
C3B NAD H . 13.42 40.94 20.85
O3B NAD H . 14.49 41.65 21.51
C2B NAD H . 14.05 40.17 19.75
O2B NAD H . 15.15 40.94 19.23
C1B NAD H . 14.57 39.00 20.53
N9A NAD H . 14.74 37.86 19.82
C8A NAD H . 14.36 37.86 18.46
N7A NAD H . 15.41 37.28 17.72
C5A NAD H . 16.38 37.01 18.66
C6A NAD H . 17.56 36.41 18.47
N6A NAD H . 17.89 35.93 17.22
N1A NAD H . 18.42 36.21 19.51
C2A NAD H . 18.02 36.63 20.79
N3A NAD H . 16.78 37.22 20.98
C4A NAD H . 16.01 37.36 19.85
O3 NAD H . 8.27 39.92 22.18
PN NAD H . 7.35 40.08 23.57
O1N NAD H . 6.17 40.86 23.17
O2N NAD H . 8.04 40.81 24.66
O5D NAD H . 6.87 38.69 24.32
C5D NAD H . 7.87 37.70 24.54
C4D NAD H . 7.51 36.37 23.85
O4D NAD H . 6.14 35.95 24.18
C3D NAD H . 7.58 36.51 22.31
O3D NAD H . 8.30 35.40 21.78
C2D NAD H . 6.12 36.50 21.86
O2D NAD H . 5.96 35.92 20.57
C1D NAD H . 5.38 35.72 22.95
N1N NAD H . 4.07 36.18 23.14
C2N NAD H . 3.87 37.56 23.17
C3N NAD H . 2.62 38.06 22.88
C7N NAD H . 2.38 39.46 22.87
O7N NAD H . 3.26 40.35 23.44
N7N NAD H . 1.27 39.97 22.29
C4N NAD H . 1.61 37.16 22.56
C5N NAD H . 1.85 35.80 22.52
C6N NAD H . 3.09 35.31 22.80
HO3A NAD H . 15.32 41.31 21.21
HO2A NAD H . 15.14 40.91 18.28
H61A NAD H . 17.22 36.04 16.45
H62A NAD H . 18.79 35.52 17.05
HO3N NAD H . 7.99 34.58 22.17
HO2N NAD H . 5.96 34.96 20.66
H71N NAD H . 0.58 39.38 21.87
H72N NAD H . 1.10 40.97 22.34
#